data_2VIS
#
_entry.id   2VIS
#
_cell.length_a   85.500
_cell.length_b   85.500
_cell.length_c   515.000
_cell.angle_alpha   90.00
_cell.angle_beta   90.00
_cell.angle_gamma   120.00
#
_symmetry.space_group_name_H-M   'P 61 2 2'
#
loop_
_entity.id
_entity.type
_entity.pdbx_description
1 polymer 'IMMUNOGLOBULIN (IGG1, LAMBDA)'
2 polymer 'IMMUNOGLOBULIN (IGG1, LAMBDA)'
3 polymer HEMAGGLUTININ
4 non-polymer 'ZINC ION'
5 non-polymer 2-acetamido-2-deoxy-beta-D-glucopyranose
#
loop_
_entity_poly.entity_id
_entity_poly.type
_entity_poly.pdbx_seq_one_letter_code
_entity_poly.pdbx_strand_id
1 'polypeptide(L)'
;QAVVTQESALTTSPGETVTLTCRSSTGAVTTSNYANWVQEKPDHLFTGLIGGTNNRAPGVPARFSGSLIGDKAALTITGA
QTEDEAIYFCALWYSNHWVFGGGTKLTVLGQPKSSPSVTLFPPSSEELETNKATLVCTITDFYPGVVTVDWKVDGTPVTQ
GMETTQPSKQSNNKYMASSYLTLTARAWERHSSYSCQVTHEGHTVEKSLS
;
A
2 'polypeptide(L)'
;QVQLKESGPGLVAPSQSLSITCTVSGFLLISNGVHWVRQPPGKGLEWLGVIWAGGNTNYNSALMSRVSISKDNSKSQVFL
KMKSLQTDDTAMYYCARDFYDYDVFYYAMDYWGQGTSVTVSSAKTTPPSVYPLAPGSAAQTNSMVTLGCLVKGYFPEPVT
VTWNSGSLSSGVHTFPAVLQSDLYTLSSSVTVPSSTWPSETVTCNVAHPASSTKVDKKIVP
;
B
3 'polypeptide(L)'
;TITDDQIEVTNATELVQSSSTGKICNNPHRILDGIDCTLIDALLGDPHCDVFQNETWDLFVERSKAFSNCYPYDVPDYAS
LRSLVASSGTLEFITEGFTWTGVIQNGGSNACKRGPGSGFFSRLNWLTKSGSTYPVLNVTMPNNDNFDKLYIWGIHHPST
NQEQTSLYVQASGRVTVSTRRSQQTIIPNIGSRPWVRGLSSRISIYWTIVKPGDVLVINSNGNLIAPRGYFKMRTGKSSI
MRSDAPIDTCISECITPNGSIPNDKPFQNVNKITYGACPKYV
;
C
#
# COMPACT_ATOMS: atom_id res chain seq x y z
N GLN A 1 -16.48 13.54 -2.58
CA GLN A 1 -17.02 13.61 -1.19
C GLN A 1 -16.06 14.53 -0.45
N ALA A 2 -16.51 15.73 -0.09
CA ALA A 2 -15.67 16.72 0.61
C ALA A 2 -14.42 17.13 -0.19
N VAL A 3 -13.60 17.97 0.42
CA VAL A 3 -12.40 18.47 -0.23
C VAL A 3 -11.31 18.70 0.82
N VAL A 4 -10.33 17.81 0.84
CA VAL A 4 -9.23 17.89 1.77
C VAL A 4 -8.26 19.00 1.32
N THR A 5 -8.00 19.97 2.19
CA THR A 5 -7.09 21.05 1.82
C THR A 5 -5.81 21.17 2.67
N GLN A 6 -4.69 21.46 2.01
CA GLN A 6 -3.44 21.60 2.76
C GLN A 6 -2.41 22.51 2.10
N GLU A 7 -1.51 23.07 2.92
CA GLU A 7 -0.47 23.99 2.48
C GLU A 7 0.14 23.61 1.13
N SER A 8 0.30 24.62 0.28
CA SER A 8 0.85 24.36 -1.04
C SER A 8 2.26 23.91 -0.89
N ALA A 9 3.02 24.69 -0.15
CA ALA A 9 4.41 24.35 0.05
C ALA A 9 4.79 25.01 1.32
N LEU A 10 5.77 24.43 2.00
CA LEU A 10 6.24 24.94 3.28
C LEU A 10 7.74 24.85 3.17
N THR A 11 8.44 25.88 3.64
CA THR A 11 9.87 25.83 3.56
C THR A 11 10.48 25.96 4.91
N THR A 12 11.17 24.90 5.31
CA THR A 12 11.83 24.84 6.60
C THR A 12 13.32 24.79 6.34
N SER A 13 14.06 24.71 7.42
CA SER A 13 15.50 24.62 7.39
C SER A 13 15.79 23.48 8.35
N PRO A 14 16.97 22.85 8.23
CA PRO A 14 17.32 21.74 9.10
C PRO A 14 17.17 22.09 10.58
N GLY A 15 16.57 21.20 11.33
CA GLY A 15 16.40 21.43 12.74
C GLY A 15 15.04 22.00 13.13
N GLU A 16 14.58 23.00 12.40
CA GLU A 16 13.31 23.59 12.73
C GLU A 16 12.24 22.49 12.87
N THR A 17 11.10 22.83 13.45
CA THR A 17 10.03 21.85 13.62
C THR A 17 8.82 22.24 12.80
N VAL A 18 8.66 21.63 11.65
CA VAL A 18 7.51 21.95 10.82
C VAL A 18 6.25 21.12 11.12
N THR A 19 5.07 21.65 10.78
CA THR A 19 3.85 20.93 11.00
C THR A 19 2.91 21.10 9.82
N LEU A 20 2.80 20.07 8.98
CA LEU A 20 1.89 20.16 7.86
C LEU A 20 0.48 19.97 8.45
N THR A 21 -0.54 20.57 7.84
CA THR A 21 -1.90 20.48 8.37
C THR A 21 -2.84 19.94 7.29
N CYS A 22 -4.00 19.39 7.70
CA CYS A 22 -4.97 18.80 6.77
C CYS A 22 -6.40 19.11 7.18
N ARG A 23 -7.03 20.02 6.43
CA ARG A 23 -8.39 20.50 6.67
C ARG A 23 -9.46 19.75 5.92
N SER A 24 -10.72 19.85 6.39
CA SER A 24 -11.86 19.20 5.75
C SER A 24 -12.98 20.22 5.51
N SER A 25 -13.41 20.34 4.26
CA SER A 25 -14.49 21.28 3.92
C SER A 25 -15.73 20.97 4.72
N THR A 26 -16.01 19.69 4.81
CA THR A 26 -17.17 19.20 5.50
C THR A 26 -17.14 19.38 7.01
N GLY A 27 -16.02 19.88 7.55
CA GLY A 27 -15.94 20.06 9.00
C GLY A 27 -14.60 19.75 9.67
N ALA A 28 -14.66 19.36 10.93
CA ALA A 28 -13.44 19.05 11.68
C ALA A 28 -12.96 17.65 11.33
N VAL A 29 -11.65 17.43 11.40
CA VAL A 29 -11.14 16.11 11.10
C VAL A 29 -11.12 15.32 12.41
N THR A 30 -11.96 14.30 12.47
CA THR A 30 -12.05 13.44 13.62
C THR A 30 -11.18 12.16 13.41
N THR A 31 -11.23 11.28 14.39
CA THR A 31 -10.53 10.02 14.32
C THR A 31 -11.25 9.19 13.25
N SER A 32 -12.54 9.45 13.06
CA SER A 32 -13.34 8.74 12.08
C SER A 32 -12.74 8.82 10.69
N ASN A 33 -11.92 9.84 10.47
CA ASN A 33 -11.31 10.07 9.16
C ASN A 33 -10.04 9.31 8.83
N TYR A 34 -9.42 8.68 9.83
CA TYR A 34 -8.20 7.89 9.63
C TYR A 34 -7.12 8.58 8.81
N ALA A 35 -6.98 9.90 9.02
CA ALA A 35 -5.99 10.71 8.30
C ALA A 35 -4.77 9.87 7.96
N ASN A 36 -4.46 9.78 6.68
CA ASN A 36 -3.34 9.00 6.21
C ASN A 36 -2.35 10.00 5.70
N TRP A 37 -1.08 9.82 5.99
CA TRP A 37 -0.09 10.77 5.48
C TRP A 37 0.92 10.06 4.58
N VAL A 38 0.75 10.19 3.27
CA VAL A 38 1.65 9.55 2.33
C VAL A 38 2.75 10.52 1.97
N GLN A 39 3.97 10.00 1.82
CA GLN A 39 5.11 10.81 1.47
C GLN A 39 5.58 10.51 0.05
N GLU A 40 5.43 11.46 -0.87
CA GLU A 40 5.91 11.28 -2.23
C GLU A 40 7.34 11.81 -2.38
N LYS A 41 8.28 10.92 -2.72
CA LYS A 41 9.69 11.28 -2.92
C LYS A 41 9.93 11.51 -4.42
N PRO A 42 11.15 11.91 -4.81
CA PRO A 42 11.44 12.16 -6.23
C PRO A 42 11.00 11.10 -7.22
N ASP A 43 10.48 11.56 -8.35
CA ASP A 43 10.01 10.71 -9.43
C ASP A 43 8.89 9.78 -8.98
N HIS A 44 7.94 10.36 -8.24
CA HIS A 44 6.75 9.69 -7.73
C HIS A 44 6.88 8.21 -7.40
N LEU A 45 7.38 8.00 -6.20
CA LEU A 45 7.65 6.73 -5.55
C LEU A 45 7.02 7.07 -4.19
N PHE A 46 5.77 6.69 -4.01
CA PHE A 46 5.09 7.01 -2.76
C PHE A 46 5.47 6.07 -1.61
N THR A 47 5.26 6.52 -0.38
CA THR A 47 5.60 5.75 0.84
C THR A 47 4.68 6.10 1.97
N GLY A 48 4.09 5.11 2.62
CA GLY A 48 3.21 5.41 3.74
C GLY A 48 3.99 5.98 4.93
N LEU A 49 3.43 6.93 5.66
CA LEU A 49 4.16 7.49 6.80
C LEU A 49 3.42 7.30 8.13
N ILE A 50 2.15 7.67 8.13
CA ILE A 50 1.30 7.56 9.30
C ILE A 50 -0.08 7.08 8.87
N GLY A 51 -0.66 6.20 9.68
CA GLY A 51 -1.98 5.68 9.37
C GLY A 51 -2.89 5.91 10.55
N GLY A 52 -4.18 5.97 10.26
CA GLY A 52 -5.18 6.15 11.30
C GLY A 52 -4.94 7.33 12.21
N THR A 53 -4.39 8.40 11.66
CA THR A 53 -4.11 9.65 12.38
C THR A 53 -2.78 9.77 13.05
N ASN A 54 -2.33 8.73 13.73
CA ASN A 54 -1.07 8.86 14.46
C ASN A 54 -0.29 7.58 14.59
N ASN A 55 -0.67 6.55 13.86
CA ASN A 55 0.09 5.30 13.92
C ASN A 55 1.28 5.35 12.98
N ARG A 56 2.47 5.48 13.56
CA ARG A 56 3.65 5.59 12.74
C ARG A 56 4.01 4.30 12.06
N ALA A 57 4.07 4.36 10.74
CA ALA A 57 4.43 3.19 9.96
C ALA A 57 5.91 2.82 10.23
N PRO A 58 6.21 1.52 10.28
CA PRO A 58 7.52 0.95 10.52
C PRO A 58 8.75 1.73 10.09
N GLY A 59 9.02 1.78 8.80
CA GLY A 59 10.21 2.48 8.36
C GLY A 59 10.37 3.90 8.85
N VAL A 60 9.21 4.58 8.96
CA VAL A 60 9.17 5.98 9.35
C VAL A 60 9.96 6.25 10.59
N PRO A 61 10.88 7.23 10.54
CA PRO A 61 11.76 7.65 11.64
C PRO A 61 10.90 8.21 12.76
N ALA A 62 11.42 8.12 13.98
CA ALA A 62 10.70 8.55 15.17
C ALA A 62 10.19 9.96 15.07
N ARG A 63 10.95 10.80 14.34
CA ARG A 63 10.65 12.22 14.20
C ARG A 63 9.37 12.64 13.50
N PHE A 64 8.61 11.70 12.95
CA PHE A 64 7.34 12.02 12.31
C PHE A 64 6.20 11.67 13.23
N SER A 65 5.32 12.62 13.48
CA SER A 65 4.23 12.37 14.40
C SER A 65 2.87 12.77 13.89
N GLY A 66 1.89 11.87 14.00
CA GLY A 66 0.55 12.18 13.53
C GLY A 66 -0.28 12.61 14.70
N SER A 67 -1.17 13.59 14.50
CA SER A 67 -2.07 14.08 15.55
C SER A 67 -3.20 14.99 15.06
N LEU A 68 -4.17 15.23 15.92
CA LEU A 68 -5.20 16.19 15.61
C LEU A 68 -4.75 17.42 16.43
N ILE A 69 -4.83 18.59 15.81
CA ILE A 69 -4.45 19.85 16.41
C ILE A 69 -5.67 20.71 16.11
N GLY A 70 -6.62 20.69 17.02
CA GLY A 70 -7.80 21.46 16.74
C GLY A 70 -8.73 20.68 15.82
N ASP A 71 -9.24 21.35 14.78
CA ASP A 71 -10.20 20.72 13.87
C ASP A 71 -9.59 20.18 12.60
N LYS A 72 -8.27 20.11 12.55
CA LYS A 72 -7.58 19.62 11.39
C LYS A 72 -6.53 18.62 11.83
N ALA A 73 -6.16 17.71 10.93
CA ALA A 73 -5.16 16.71 11.26
C ALA A 73 -3.78 17.25 10.94
N ALA A 74 -2.76 16.76 11.61
CA ALA A 74 -1.44 17.27 11.36
C ALA A 74 -0.34 16.25 11.49
N LEU A 75 0.77 16.58 10.86
CA LEU A 75 1.97 15.76 10.87
C LEU A 75 3.04 16.75 11.30
N THR A 76 3.98 16.31 12.12
CA THR A 76 5.00 17.19 12.60
C THR A 76 6.38 16.56 12.47
N ILE A 77 7.22 17.14 11.66
CA ILE A 77 8.56 16.64 11.52
C ILE A 77 9.29 17.45 12.56
N THR A 78 9.94 16.79 13.50
CA THR A 78 10.68 17.46 14.58
C THR A 78 12.17 17.34 14.35
N GLY A 79 12.76 18.32 13.71
CA GLY A 79 14.18 18.25 13.43
C GLY A 79 14.37 17.81 12.00
N ALA A 80 13.61 18.46 11.10
CA ALA A 80 13.63 18.18 9.69
C ALA A 80 15.06 18.09 9.23
N GLN A 81 15.32 17.16 8.32
CA GLN A 81 16.67 16.96 7.73
C GLN A 81 16.50 17.10 6.22
N THR A 82 17.56 17.51 5.49
CA THR A 82 17.46 17.70 4.04
C THR A 82 16.70 16.56 3.35
N GLU A 83 16.89 15.38 3.90
CA GLU A 83 16.24 14.21 3.37
C GLU A 83 14.76 14.14 3.71
N ASP A 84 14.13 15.26 4.03
CA ASP A 84 12.71 15.24 4.35
C ASP A 84 11.99 16.02 3.30
N GLU A 85 12.77 16.63 2.42
CA GLU A 85 12.23 17.41 1.34
C GLU A 85 11.38 16.38 0.55
N ALA A 86 10.12 16.71 0.27
CA ALA A 86 9.22 15.79 -0.42
C ALA A 86 7.80 16.41 -0.49
N ILE A 87 6.90 15.82 -1.28
CA ILE A 87 5.53 16.32 -1.33
C ILE A 87 4.81 15.42 -0.32
N TYR A 88 4.21 16.01 0.72
CA TYR A 88 3.54 15.25 1.80
C TYR A 88 2.05 15.21 1.61
N PHE A 89 1.51 14.12 1.07
CA PHE A 89 0.08 14.04 0.85
C PHE A 89 -0.76 13.61 2.02
N CYS A 90 -1.90 14.26 2.20
CA CYS A 90 -2.84 13.96 3.29
C CYS A 90 -4.08 13.27 2.69
N ALA A 91 -4.55 12.15 3.23
CA ALA A 91 -5.76 11.52 2.67
C ALA A 91 -6.78 11.30 3.79
N LEU A 92 -8.04 11.66 3.55
CA LEU A 92 -9.09 11.52 4.58
C LEU A 92 -10.24 10.65 4.14
N TRP A 93 -10.55 9.68 5.01
CA TRP A 93 -11.62 8.71 4.77
C TRP A 93 -12.98 9.31 5.08
N TYR A 94 -13.91 9.12 4.14
CA TYR A 94 -15.30 9.55 4.27
C TYR A 94 -16.18 8.45 3.71
N SER A 95 -16.58 7.52 4.58
CA SER A 95 -17.45 6.38 4.26
C SER A 95 -17.12 5.57 3.01
N ASN A 96 -16.10 4.75 3.14
CA ASN A 96 -15.69 3.89 2.05
C ASN A 96 -15.38 4.65 0.78
N HIS A 97 -14.80 5.84 0.97
CA HIS A 97 -14.39 6.76 -0.07
C HIS A 97 -13.18 7.54 0.47
N TRP A 98 -12.07 7.51 -0.24
CA TRP A 98 -10.91 8.26 0.19
C TRP A 98 -10.94 9.62 -0.50
N VAL A 99 -10.32 10.61 0.12
CA VAL A 99 -10.25 11.96 -0.43
C VAL A 99 -8.86 12.50 -0.11
N PHE A 100 -8.01 12.63 -1.12
CA PHE A 100 -6.68 13.17 -0.87
C PHE A 100 -6.61 14.69 -0.85
N GLY A 101 -5.55 15.22 -0.26
CA GLY A 101 -5.37 16.64 -0.21
C GLY A 101 -4.53 17.00 -1.42
N GLY A 102 -4.31 18.31 -1.58
CA GLY A 102 -3.51 18.80 -2.69
C GLY A 102 -2.03 18.47 -2.62
N GLY A 103 -1.59 18.15 -1.40
CA GLY A 103 -0.19 17.83 -1.15
C GLY A 103 0.57 19.08 -0.74
N THR A 104 1.61 18.93 0.06
CA THR A 104 2.42 20.08 0.48
C THR A 104 3.83 19.84 0.00
N LYS A 105 4.46 20.85 -0.55
CA LYS A 105 5.81 20.71 -1.01
C LYS A 105 6.66 21.19 0.14
N LEU A 106 7.54 20.34 0.66
CA LEU A 106 8.38 20.77 1.76
C LEU A 106 9.77 21.02 1.23
N THR A 107 10.26 22.23 1.42
CA THR A 107 11.61 22.57 0.98
C THR A 107 12.42 22.55 2.27
N VAL A 108 13.64 22.03 2.26
CA VAL A 108 14.46 22.05 3.48
C VAL A 108 15.80 22.75 3.18
N LEU A 109 15.74 24.09 3.13
CA LEU A 109 16.88 24.96 2.83
C LEU A 109 18.23 24.36 3.18
N GLY A 110 18.91 23.81 2.17
CA GLY A 110 20.20 23.21 2.40
C GLY A 110 21.34 23.93 1.71
N GLN A 111 21.05 25.04 1.04
CA GLN A 111 22.12 25.76 0.39
C GLN A 111 21.73 27.21 0.27
N PRO A 112 22.69 28.08 -0.08
CA PRO A 112 22.50 29.53 -0.24
C PRO A 112 21.52 29.93 -1.34
N LYS A 113 20.70 30.96 -1.08
CA LYS A 113 19.73 31.46 -2.07
C LYS A 113 20.43 31.81 -3.38
N SER A 114 19.86 31.38 -4.51
CA SER A 114 20.49 31.73 -5.76
C SER A 114 19.48 32.40 -6.65
N SER A 115 19.87 33.53 -7.23
CA SER A 115 18.99 34.30 -8.12
C SER A 115 18.93 33.77 -9.56
N PRO A 116 17.72 33.67 -10.13
CA PRO A 116 17.62 33.15 -11.49
C PRO A 116 18.33 34.01 -12.52
N SER A 117 18.76 33.40 -13.63
CA SER A 117 19.40 34.10 -14.74
C SER A 117 18.27 34.06 -15.76
N VAL A 118 17.62 35.19 -16.03
CA VAL A 118 16.50 35.19 -16.96
C VAL A 118 16.93 35.47 -18.38
N THR A 119 16.27 34.88 -19.36
CA THR A 119 16.62 35.10 -20.77
C THR A 119 15.37 35.04 -21.60
N LEU A 120 15.09 36.12 -22.33
CA LEU A 120 13.92 36.17 -23.18
C LEU A 120 14.49 36.00 -24.58
N PHE A 121 13.87 35.09 -25.35
CA PHE A 121 14.30 34.82 -26.70
C PHE A 121 13.18 35.23 -27.66
N PRO A 122 13.51 35.98 -28.72
CA PRO A 122 12.52 36.42 -29.70
C PRO A 122 12.32 35.35 -30.76
N PRO A 123 11.16 35.35 -31.41
CA PRO A 123 10.86 34.36 -32.45
C PRO A 123 11.86 34.36 -33.60
N SER A 124 12.22 33.15 -34.04
CA SER A 124 13.17 32.93 -35.13
C SER A 124 12.54 33.16 -36.49
N SER A 125 13.28 33.83 -37.35
CA SER A 125 12.81 34.14 -38.70
C SER A 125 12.15 32.90 -39.26
N GLU A 126 12.85 31.78 -39.11
CA GLU A 126 12.35 30.51 -39.58
C GLU A 126 10.95 30.24 -39.06
N GLU A 127 10.80 30.21 -37.75
CA GLU A 127 9.49 29.94 -37.18
C GLU A 127 8.44 30.94 -37.65
N LEU A 128 8.85 32.18 -37.88
CA LEU A 128 7.92 33.22 -38.33
C LEU A 128 7.40 33.02 -39.76
N GLU A 129 8.27 32.53 -40.65
CA GLU A 129 7.95 32.28 -42.06
C GLU A 129 6.72 31.41 -42.13
N THR A 130 6.59 30.45 -41.21
CA THR A 130 5.41 29.58 -41.19
C THR A 130 4.30 30.17 -40.34
N ASN A 131 4.31 31.50 -40.28
CA ASN A 131 3.30 32.29 -39.60
C ASN A 131 2.92 32.01 -38.17
N LYS A 132 3.93 31.77 -37.34
CA LYS A 132 3.72 31.52 -35.92
C LYS A 132 4.92 32.08 -35.16
N ALA A 133 4.67 32.60 -33.97
CA ALA A 133 5.73 33.17 -33.15
C ALA A 133 5.69 32.65 -31.71
N THR A 134 6.81 32.12 -31.24
CA THR A 134 6.88 31.57 -29.88
C THR A 134 8.02 32.14 -29.07
N LEU A 135 7.67 32.99 -28.11
CA LEU A 135 8.65 33.60 -27.23
C LEU A 135 9.15 32.58 -26.18
N VAL A 136 10.48 32.39 -26.11
CA VAL A 136 11.05 31.46 -25.14
C VAL A 136 11.79 32.19 -24.03
N CYS A 137 11.34 32.01 -22.80
CA CYS A 137 12.00 32.65 -21.67
C CYS A 137 12.59 31.55 -20.82
N THR A 138 13.92 31.52 -20.73
CA THR A 138 14.58 30.49 -19.94
C THR A 138 15.11 31.01 -18.62
N ILE A 139 14.49 30.56 -17.54
CA ILE A 139 14.85 30.92 -16.16
C ILE A 139 15.73 29.81 -15.60
N THR A 140 16.94 30.13 -15.17
CA THR A 140 17.83 29.09 -14.67
C THR A 140 18.67 29.42 -13.47
N ASP A 141 19.21 28.36 -12.87
CA ASP A 141 20.07 28.45 -11.71
C ASP A 141 19.50 29.16 -10.49
N PHE A 142 18.21 28.97 -10.23
CA PHE A 142 17.62 29.60 -9.07
C PHE A 142 17.51 28.66 -7.88
N TYR A 143 17.48 29.24 -6.69
CA TYR A 143 17.38 28.48 -5.45
C TYR A 143 16.89 29.40 -4.34
N PRO A 144 15.90 28.95 -3.55
CA PRO A 144 15.25 27.65 -3.65
C PRO A 144 14.37 27.54 -4.88
N GLY A 145 14.08 26.30 -5.25
CA GLY A 145 13.30 26.00 -6.44
C GLY A 145 11.86 26.45 -6.55
N VAL A 146 11.63 27.76 -6.56
CA VAL A 146 10.29 28.29 -6.72
C VAL A 146 10.23 29.71 -7.27
N VAL A 147 9.64 29.80 -8.46
CA VAL A 147 9.48 31.03 -9.22
C VAL A 147 8.04 31.10 -9.72
N THR A 148 7.68 32.30 -10.18
CA THR A 148 6.38 32.61 -10.71
C THR A 148 6.69 33.39 -11.97
N VAL A 149 6.19 32.94 -13.10
CA VAL A 149 6.47 33.64 -14.35
C VAL A 149 5.25 34.36 -14.87
N ASP A 150 5.43 35.64 -15.18
CA ASP A 150 4.34 36.45 -15.70
C ASP A 150 4.75 37.11 -17.01
N TRP A 151 3.84 37.13 -17.99
CA TRP A 151 4.15 37.75 -19.27
C TRP A 151 3.46 39.09 -19.43
N LYS A 152 4.09 40.01 -20.16
CA LYS A 152 3.53 41.34 -20.40
C LYS A 152 3.78 41.71 -21.84
N VAL A 153 2.79 42.34 -22.47
CA VAL A 153 2.93 42.78 -23.85
C VAL A 153 2.65 44.28 -23.80
N ASP A 154 3.55 45.10 -24.34
CA ASP A 154 3.38 46.56 -24.36
C ASP A 154 2.89 47.04 -22.98
N GLY A 155 3.57 46.57 -21.94
CA GLY A 155 3.18 46.96 -20.60
C GLY A 155 1.92 46.28 -20.11
N THR A 156 0.96 45.99 -20.99
CA THR A 156 -0.25 45.32 -20.53
C THR A 156 0.08 43.86 -20.18
N PRO A 157 -0.73 43.22 -19.32
CA PRO A 157 -0.55 41.84 -18.86
C PRO A 157 -1.18 40.75 -19.74
N VAL A 158 -0.38 39.74 -20.04
CA VAL A 158 -0.78 38.60 -20.87
C VAL A 158 -1.52 37.57 -20.04
N THR A 159 -2.50 36.92 -20.67
CA THR A 159 -3.29 35.87 -20.02
C THR A 159 -3.61 34.72 -20.97
N GLN A 160 -2.91 34.65 -22.10
CA GLN A 160 -3.15 33.57 -23.05
C GLN A 160 -1.81 33.21 -23.67
N GLY A 161 -1.76 32.02 -24.23
CA GLY A 161 -0.57 31.54 -24.90
C GLY A 161 0.67 31.31 -24.07
N MET A 162 0.57 31.48 -22.76
CA MET A 162 1.75 31.24 -21.95
C MET A 162 1.65 29.91 -21.21
N GLU A 163 2.77 29.22 -21.19
CA GLU A 163 2.86 27.91 -20.57
C GLU A 163 4.21 27.90 -19.88
N THR A 164 4.22 27.52 -18.61
CA THR A 164 5.44 27.48 -17.84
C THR A 164 5.70 26.08 -17.29
N THR A 165 6.89 25.57 -17.57
CA THR A 165 7.25 24.26 -17.10
C THR A 165 7.43 24.41 -15.60
N GLN A 166 7.20 23.32 -14.88
CA GLN A 166 7.38 23.29 -13.42
C GLN A 166 8.91 23.30 -13.28
N PRO A 167 9.43 23.77 -12.13
CA PRO A 167 10.89 23.79 -12.03
C PRO A 167 11.46 22.41 -11.93
N SER A 168 12.70 22.24 -12.39
CA SER A 168 13.37 20.97 -12.36
C SER A 168 14.70 21.18 -11.71
N LYS A 169 15.08 20.20 -10.90
CA LYS A 169 16.34 20.20 -10.19
C LYS A 169 17.47 20.22 -11.23
N GLN A 170 18.63 20.73 -10.88
CA GLN A 170 19.75 20.73 -11.80
C GLN A 170 20.77 19.76 -11.21
N SER A 171 21.94 19.64 -11.86
CA SER A 171 22.99 18.76 -11.34
C SER A 171 23.58 19.48 -10.13
N ASN A 172 23.81 20.78 -10.24
CA ASN A 172 24.35 21.53 -9.11
C ASN A 172 23.25 21.77 -8.07
N ASN A 173 22.15 21.05 -8.21
CA ASN A 173 21.06 21.19 -7.28
C ASN A 173 20.35 22.51 -7.21
N LYS A 174 20.71 23.47 -8.05
CA LYS A 174 19.98 24.74 -8.08
C LYS A 174 18.74 24.35 -8.92
N TYR A 175 18.09 25.28 -9.61
CA TYR A 175 16.91 24.92 -10.43
C TYR A 175 16.82 25.62 -11.79
N MET A 176 16.10 25.00 -12.72
CA MET A 176 15.92 25.58 -14.04
C MET A 176 14.42 25.49 -14.27
N ALA A 177 13.91 26.32 -15.19
CA ALA A 177 12.49 26.31 -15.52
C ALA A 177 12.38 26.99 -16.87
N SER A 178 11.16 27.21 -17.34
CA SER A 178 11.01 27.80 -18.67
C SER A 178 9.57 28.20 -18.93
N SER A 179 9.37 29.22 -19.75
CA SER A 179 8.02 29.66 -20.07
C SER A 179 7.93 30.01 -21.56
N TYR A 180 6.78 29.79 -22.18
CA TYR A 180 6.65 30.08 -23.60
C TYR A 180 5.46 30.97 -23.84
N LEU A 181 5.55 31.87 -24.80
CA LEU A 181 4.40 32.69 -25.12
C LEU A 181 4.25 32.46 -26.62
N THR A 182 3.10 31.90 -26.98
CA THR A 182 2.78 31.52 -28.37
C THR A 182 1.69 32.36 -28.98
N LEU A 183 2.05 33.10 -30.02
CA LEU A 183 1.10 33.95 -30.71
C LEU A 183 1.35 33.76 -32.20
N THR A 184 0.40 34.20 -33.02
CA THR A 184 0.57 34.10 -34.48
C THR A 184 1.39 35.30 -34.96
N ALA A 185 2.22 35.11 -35.99
CA ALA A 185 3.06 36.18 -36.50
C ALA A 185 2.29 37.47 -36.56
N ARG A 186 1.05 37.40 -37.03
CA ARG A 186 0.21 38.57 -37.11
C ARG A 186 0.15 39.24 -35.74
N ALA A 187 -0.22 38.50 -34.70
CA ALA A 187 -0.30 39.06 -33.35
C ALA A 187 1.07 39.48 -32.82
N TRP A 188 2.12 38.82 -33.28
CA TRP A 188 3.45 39.17 -32.84
C TRP A 188 3.76 40.53 -33.41
N GLU A 189 3.37 40.79 -34.65
CA GLU A 189 3.64 42.08 -35.28
C GLU A 189 2.86 43.20 -34.57
N ARG A 190 1.63 42.89 -34.16
CA ARG A 190 0.70 43.81 -33.49
C ARG A 190 1.16 44.58 -32.25
N HIS A 191 2.33 44.25 -31.70
CA HIS A 191 2.81 44.94 -30.52
C HIS A 191 4.29 45.23 -30.65
N SER A 192 4.82 46.05 -29.74
CA SER A 192 6.21 46.43 -29.83
C SER A 192 7.18 45.81 -28.84
N SER A 193 6.79 45.80 -27.56
CA SER A 193 7.64 45.25 -26.50
C SER A 193 7.02 44.05 -25.82
N TYR A 194 7.85 43.07 -25.50
CA TYR A 194 7.41 41.84 -24.85
C TYR A 194 8.30 41.56 -23.64
N SER A 195 7.69 41.17 -22.53
CA SER A 195 8.44 40.91 -21.31
C SER A 195 8.04 39.70 -20.52
N CYS A 196 9.04 39.09 -19.92
CA CYS A 196 8.88 37.90 -19.13
C CYS A 196 9.35 38.38 -17.76
N GLN A 197 8.46 38.26 -16.78
CA GLN A 197 8.73 38.70 -15.41
C GLN A 197 8.80 37.55 -14.48
N VAL A 198 10.02 37.23 -14.07
CA VAL A 198 10.29 36.14 -13.16
C VAL A 198 10.34 36.62 -11.71
N THR A 199 9.39 36.15 -10.90
CA THR A 199 9.27 36.53 -9.50
C THR A 199 9.75 35.42 -8.55
N HIS A 200 10.86 35.68 -7.86
CA HIS A 200 11.51 34.73 -6.95
C HIS A 200 12.11 35.41 -5.73
N GLU A 201 11.56 35.00 -4.58
CA GLU A 201 11.94 35.48 -3.26
C GLU A 201 11.69 36.96 -3.16
N GLY A 202 10.43 37.33 -3.35
CA GLY A 202 10.05 38.73 -3.24
C GLY A 202 10.38 39.58 -4.43
N HIS A 203 11.62 39.50 -4.89
CA HIS A 203 11.96 40.32 -6.02
C HIS A 203 11.50 39.68 -7.30
N THR A 204 11.42 40.53 -8.33
CA THR A 204 11.03 40.17 -9.67
C THR A 204 12.13 40.62 -10.60
N VAL A 205 12.58 39.70 -11.43
CA VAL A 205 13.65 39.96 -12.38
C VAL A 205 12.97 39.77 -13.71
N GLU A 206 12.94 40.79 -14.54
CA GLU A 206 12.30 40.65 -15.84
C GLU A 206 13.25 40.94 -16.99
N LYS A 207 12.97 40.35 -18.15
CA LYS A 207 13.76 40.55 -19.35
C LYS A 207 12.69 40.93 -20.35
N SER A 208 13.04 41.76 -21.34
CA SER A 208 12.09 42.21 -22.36
C SER A 208 12.74 42.55 -23.70
N LEU A 209 11.91 42.66 -24.75
CA LEU A 209 12.38 43.03 -26.08
C LEU A 209 11.37 43.81 -26.94
N SER A 210 11.71 43.98 -28.21
CA SER A 210 10.88 44.69 -29.19
C SER A 210 11.29 44.36 -30.65
N GLN B 1 7.78 -10.41 1.11
CA GLN B 1 7.43 -9.03 1.55
C GLN B 1 6.30 -8.59 0.66
N VAL B 2 5.60 -7.53 1.04
CA VAL B 2 4.52 -7.08 0.18
C VAL B 2 5.17 -6.49 -1.06
N GLN B 3 4.44 -6.46 -2.15
CA GLN B 3 4.96 -5.91 -3.40
C GLN B 3 3.86 -5.77 -4.45
N LEU B 4 3.74 -4.59 -5.04
CA LEU B 4 2.71 -4.41 -6.05
C LEU B 4 3.32 -3.80 -7.31
N LYS B 5 2.95 -4.36 -8.48
CA LYS B 5 3.47 -3.87 -9.76
C LYS B 5 2.30 -3.59 -10.69
N GLU B 6 2.38 -2.50 -11.45
CA GLU B 6 1.35 -2.12 -12.42
C GLU B 6 1.97 -2.26 -13.79
N SER B 7 1.26 -2.94 -14.67
CA SER B 7 1.67 -3.16 -16.04
C SER B 7 0.47 -2.68 -16.81
N GLY B 8 0.69 -1.78 -17.75
CA GLY B 8 -0.42 -1.24 -18.52
C GLY B 8 0.07 -0.93 -19.90
N PRO B 9 -0.73 -0.25 -20.74
CA PRO B 9 -0.43 0.15 -22.12
C PRO B 9 0.68 1.20 -22.36
N GLY B 10 0.67 2.30 -21.61
CA GLY B 10 1.69 3.30 -21.82
C GLY B 10 1.10 4.39 -22.68
N LEU B 11 0.48 4.01 -23.80
CA LEU B 11 -0.11 4.99 -24.72
C LEU B 11 -1.41 4.48 -25.40
N VAL B 12 -2.51 5.18 -25.15
CA VAL B 12 -3.80 4.79 -25.73
C VAL B 12 -4.50 6.02 -26.25
N ALA B 13 -5.16 5.83 -27.39
CA ALA B 13 -5.87 6.93 -28.03
C ALA B 13 -7.20 7.25 -27.39
N PRO B 14 -7.57 8.53 -27.37
CA PRO B 14 -8.85 8.94 -26.78
C PRO B 14 -9.89 8.06 -27.43
N SER B 15 -10.86 7.60 -26.66
CA SER B 15 -11.91 6.70 -27.17
C SER B 15 -11.28 5.37 -27.59
N GLN B 16 -11.00 4.59 -26.55
CA GLN B 16 -10.42 3.24 -26.61
C GLN B 16 -10.67 2.84 -25.15
N SER B 17 -10.06 1.76 -24.68
CA SER B 17 -10.29 1.37 -23.30
C SER B 17 -9.02 1.04 -22.55
N LEU B 18 -8.78 1.80 -21.49
CA LEU B 18 -7.60 1.63 -20.66
C LEU B 18 -7.73 0.43 -19.71
N SER B 19 -6.68 -0.39 -19.66
CA SER B 19 -6.68 -1.59 -18.81
C SER B 19 -5.35 -1.87 -18.10
N ILE B 20 -5.22 -1.39 -16.86
CA ILE B 20 -4.00 -1.58 -16.06
C ILE B 20 -4.11 -2.81 -15.15
N THR B 21 -2.96 -3.41 -14.87
CA THR B 21 -2.94 -4.57 -14.00
C THR B 21 -1.99 -4.32 -12.85
N CYS B 22 -2.44 -4.72 -11.66
CA CYS B 22 -1.68 -4.58 -10.45
C CYS B 22 -1.41 -6.01 -9.99
N THR B 23 -0.18 -6.49 -10.15
CA THR B 23 0.16 -7.85 -9.72
C THR B 23 0.75 -7.87 -8.31
N VAL B 24 -0.07 -8.23 -7.34
CA VAL B 24 0.39 -8.27 -5.97
C VAL B 24 1.12 -9.55 -5.58
N SER B 25 2.07 -9.36 -4.67
CA SER B 25 2.86 -10.46 -4.17
C SER B 25 3.08 -10.33 -2.68
N GLY B 26 3.10 -11.48 -2.01
CA GLY B 26 3.35 -11.50 -0.58
C GLY B 26 2.19 -11.23 0.35
N PHE B 27 0.96 -11.46 -0.11
CA PHE B 27 -0.25 -11.28 0.69
C PHE B 27 -1.33 -11.75 -0.23
N LEU B 28 -2.50 -12.08 0.27
CA LEU B 28 -3.54 -12.61 -0.62
C LEU B 28 -4.61 -11.58 -0.81
N LEU B 29 -5.29 -11.67 -1.94
CA LEU B 29 -6.35 -10.73 -2.26
C LEU B 29 -7.62 -10.93 -1.40
N ILE B 30 -7.72 -12.12 -0.80
CA ILE B 30 -8.86 -12.42 0.08
C ILE B 30 -8.55 -11.94 1.49
N SER B 31 -7.31 -11.47 1.67
CA SER B 31 -6.90 -11.01 2.98
C SER B 31 -6.84 -9.50 3.02
N ASN B 32 -6.75 -8.88 1.84
CA ASN B 32 -6.63 -7.43 1.73
C ASN B 32 -7.26 -6.90 0.45
N GLY B 33 -7.62 -5.64 0.52
CA GLY B 33 -8.18 -5.00 -0.65
C GLY B 33 -7.01 -4.30 -1.32
N VAL B 34 -7.27 -3.82 -2.53
CA VAL B 34 -6.27 -3.10 -3.30
C VAL B 34 -7.02 -1.86 -3.80
N HIS B 35 -6.32 -0.73 -3.70
CA HIS B 35 -6.82 0.60 -4.11
C HIS B 35 -6.19 1.10 -5.38
N TRP B 36 -6.86 1.99 -6.08
CA TRP B 36 -6.29 2.58 -7.29
C TRP B 36 -6.21 4.10 -7.11
N VAL B 37 -5.01 4.66 -7.30
CA VAL B 37 -4.77 6.08 -7.12
C VAL B 37 -4.05 6.56 -8.38
N ARG B 38 -4.51 7.67 -8.98
CA ARG B 38 -3.85 8.23 -10.18
C ARG B 38 -3.35 9.64 -9.92
N GLN B 39 -2.21 9.97 -10.52
CA GLN B 39 -1.57 11.29 -10.39
C GLN B 39 -1.33 11.95 -11.76
N PRO B 40 -2.27 12.79 -12.23
CA PRO B 40 -2.11 13.45 -13.52
C PRO B 40 -0.93 14.39 -13.39
N PRO B 41 -0.19 14.61 -14.48
CA PRO B 41 0.97 15.49 -14.48
C PRO B 41 0.72 16.84 -13.82
N GLY B 42 1.56 17.16 -12.83
CA GLY B 42 1.45 18.42 -12.14
C GLY B 42 0.10 18.66 -11.53
N LYS B 43 -0.37 17.67 -10.78
CA LYS B 43 -1.64 17.73 -10.07
C LYS B 43 -1.49 16.91 -8.79
N GLY B 44 -2.56 16.81 -8.03
CA GLY B 44 -2.53 16.03 -6.80
C GLY B 44 -2.86 14.59 -7.14
N LEU B 45 -3.06 13.77 -6.10
CA LEU B 45 -3.42 12.38 -6.29
C LEU B 45 -4.93 12.31 -6.37
N GLU B 46 -5.46 11.34 -7.10
CA GLU B 46 -6.90 11.14 -7.21
C GLU B 46 -7.18 9.67 -6.90
N TRP B 47 -8.21 9.42 -6.12
CA TRP B 47 -8.57 8.07 -5.70
C TRP B 47 -9.58 7.60 -6.73
N LEU B 48 -9.31 6.50 -7.40
CA LEU B 48 -10.17 5.96 -8.44
C LEU B 48 -11.26 5.04 -7.95
N GLY B 49 -10.90 4.17 -7.03
CA GLY B 49 -11.86 3.23 -6.51
C GLY B 49 -11.15 2.13 -5.74
N VAL B 50 -11.92 1.17 -5.23
CA VAL B 50 -11.31 0.13 -4.48
C VAL B 50 -12.10 -1.14 -4.61
N ILE B 51 -11.38 -2.26 -4.55
CA ILE B 51 -11.96 -3.61 -4.58
C ILE B 51 -11.55 -4.22 -3.28
N TRP B 52 -12.56 -4.56 -2.46
CA TRP B 52 -12.36 -5.14 -1.11
C TRP B 52 -11.99 -6.61 -1.20
N ALA B 53 -11.58 -7.13 -0.09
CA ALA B 53 -11.14 -8.44 -0.11
C ALA B 53 -12.29 -9.38 -0.37
N GLY B 54 -13.54 -8.89 -0.07
CA GLY B 54 -14.77 -9.64 -0.30
C GLY B 54 -15.17 -9.49 -1.77
N GLY B 55 -14.38 -8.75 -2.56
CA GLY B 55 -14.81 -8.67 -3.94
C GLY B 55 -15.65 -7.45 -4.20
N ASN B 56 -16.42 -7.04 -3.22
CA ASN B 56 -17.19 -5.84 -3.48
C ASN B 56 -16.24 -4.68 -3.73
N THR B 57 -16.72 -3.65 -4.43
CA THR B 57 -15.89 -2.51 -4.76
C THR B 57 -16.51 -1.16 -4.36
N ASN B 58 -15.71 -0.13 -4.27
CA ASN B 58 -16.21 1.19 -3.90
C ASN B 58 -15.45 2.11 -4.81
N TYR B 59 -16.17 2.84 -5.64
CA TYR B 59 -15.56 3.74 -6.61
C TYR B 59 -15.73 5.20 -6.33
N ASN B 60 -14.82 5.98 -6.91
CA ASN B 60 -14.84 7.42 -6.78
C ASN B 60 -16.07 7.94 -7.52
N SER B 61 -16.98 8.54 -6.76
CA SER B 61 -18.24 9.08 -7.25
C SER B 61 -18.18 9.68 -8.64
N ALA B 62 -17.21 10.54 -8.86
CA ALA B 62 -17.02 11.20 -10.14
C ALA B 62 -16.78 10.22 -11.30
N LEU B 63 -15.59 9.64 -11.30
CA LEU B 63 -15.18 8.71 -12.33
C LEU B 63 -15.92 7.39 -12.35
N MET B 64 -16.75 7.13 -11.35
CA MET B 64 -17.46 5.86 -11.27
C MET B 64 -18.15 5.36 -12.54
N SER B 65 -18.75 6.27 -13.29
CA SER B 65 -19.47 5.90 -14.49
C SER B 65 -18.60 5.24 -15.55
N ARG B 66 -17.29 5.44 -15.47
CA ARG B 66 -16.39 4.88 -16.45
C ARG B 66 -15.41 3.86 -15.94
N VAL B 67 -15.18 3.87 -14.63
CA VAL B 67 -14.23 2.94 -14.04
C VAL B 67 -14.81 1.58 -13.77
N SER B 68 -13.95 0.64 -13.41
CA SER B 68 -14.40 -0.70 -13.15
C SER B 68 -13.25 -1.55 -12.64
N ILE B 69 -13.22 -1.77 -11.33
CA ILE B 69 -12.18 -2.60 -10.74
C ILE B 69 -12.66 -4.04 -10.54
N SER B 70 -11.79 -4.99 -10.80
CA SER B 70 -12.11 -6.39 -10.63
C SER B 70 -10.83 -7.01 -10.14
N LYS B 71 -10.77 -8.34 -10.15
CA LYS B 71 -9.58 -9.03 -9.69
C LYS B 71 -9.76 -10.54 -9.84
N ASP B 72 -8.65 -11.25 -10.01
CA ASP B 72 -8.66 -12.68 -10.15
C ASP B 72 -7.85 -13.18 -8.98
N ASN B 73 -8.54 -13.46 -7.88
CA ASN B 73 -7.88 -13.93 -6.66
C ASN B 73 -6.86 -15.03 -6.92
N SER B 74 -7.14 -15.93 -7.87
CA SER B 74 -6.23 -17.05 -8.14
C SER B 74 -4.91 -16.70 -8.85
N LYS B 75 -4.92 -15.57 -9.55
CA LYS B 75 -3.74 -15.11 -10.27
C LYS B 75 -3.01 -13.98 -9.55
N SER B 76 -3.66 -13.39 -8.54
CA SER B 76 -3.12 -12.25 -7.77
C SER B 76 -3.08 -11.01 -8.61
N GLN B 77 -4.17 -10.76 -9.30
CA GLN B 77 -4.22 -9.61 -10.14
C GLN B 77 -5.44 -8.80 -9.93
N VAL B 78 -5.23 -7.50 -9.81
CA VAL B 78 -6.33 -6.58 -9.63
C VAL B 78 -6.41 -5.88 -11.00
N PHE B 79 -7.62 -5.66 -11.50
CA PHE B 79 -7.78 -5.05 -12.81
C PHE B 79 -8.55 -3.72 -12.81
N LEU B 80 -7.92 -2.68 -13.36
CA LEU B 80 -8.54 -1.35 -13.46
C LEU B 80 -8.91 -1.19 -14.92
N LYS B 81 -10.20 -1.07 -15.20
CA LYS B 81 -10.64 -0.96 -16.59
C LYS B 81 -11.36 0.35 -16.77
N MET B 82 -10.86 1.20 -17.68
CA MET B 82 -11.50 2.49 -17.93
C MET B 82 -11.94 2.57 -19.38
N LYS B 83 -13.13 3.13 -19.62
CA LYS B 83 -13.66 3.26 -20.97
C LYS B 83 -13.95 4.73 -21.27
N SER B 84 -14.15 5.05 -22.56
CA SER B 84 -14.41 6.42 -23.02
C SER B 84 -13.29 7.35 -22.53
N LEU B 85 -12.06 6.89 -22.77
CA LEU B 85 -10.87 7.63 -22.37
C LEU B 85 -10.80 8.99 -23.04
N GLN B 86 -10.35 9.98 -22.28
CA GLN B 86 -10.13 11.30 -22.82
C GLN B 86 -8.81 11.78 -22.28
N THR B 87 -8.14 12.61 -23.07
CA THR B 87 -6.85 13.20 -22.76
C THR B 87 -6.54 13.43 -21.30
N ASP B 88 -7.47 14.07 -20.57
CA ASP B 88 -7.28 14.38 -19.15
C ASP B 88 -6.70 13.17 -18.40
N ASP B 89 -7.10 11.99 -18.83
CA ASP B 89 -6.67 10.72 -18.23
C ASP B 89 -5.17 10.46 -18.29
N THR B 90 -4.42 11.31 -18.95
CA THR B 90 -3.01 11.06 -18.94
C THR B 90 -2.64 11.34 -17.47
N ALA B 91 -1.97 10.37 -16.86
CA ALA B 91 -1.58 10.45 -15.45
C ALA B 91 -0.82 9.17 -15.05
N MET B 92 -0.16 9.20 -13.89
CA MET B 92 0.56 8.01 -13.43
C MET B 92 -0.51 7.19 -12.74
N TYR B 93 -0.54 5.89 -12.99
CA TYR B 93 -1.54 5.04 -12.36
C TYR B 93 -0.87 4.16 -11.32
N TYR B 94 -1.43 4.20 -10.11
CA TYR B 94 -0.93 3.46 -8.94
C TYR B 94 -1.94 2.54 -8.24
N CYS B 95 -1.45 1.41 -7.75
CA CYS B 95 -2.32 0.53 -6.99
C CYS B 95 -1.60 0.43 -5.67
N ALA B 96 -2.35 0.53 -4.60
CA ALA B 96 -1.80 0.52 -3.27
C ALA B 96 -2.64 -0.40 -2.39
N ARG B 97 -1.96 -1.12 -1.48
CA ARG B 97 -2.65 -2.07 -0.61
C ARG B 97 -3.44 -1.50 0.53
N ASP B 98 -4.66 -1.98 0.67
CA ASP B 98 -5.58 -1.56 1.71
C ASP B 98 -5.28 -2.34 2.96
N PHE B 99 -5.00 -1.64 4.04
CA PHE B 99 -4.71 -2.25 5.31
C PHE B 99 -5.74 -1.84 6.35
N TYR B 100 -6.03 -2.76 7.26
CA TYR B 100 -6.98 -2.53 8.36
C TYR B 100 -6.36 -3.19 9.55
N ASP B 101 -6.36 -2.46 10.67
CA ASP B 101 -5.83 -3.00 11.90
C ASP B 101 -7.01 -3.48 12.74
N TYR B 102 -6.95 -4.74 13.15
CA TYR B 102 -8.03 -5.34 13.91
C TYR B 102 -8.11 -4.99 15.39
N ASP B 103 -7.01 -4.46 15.92
CA ASP B 103 -6.92 -4.11 17.33
C ASP B 103 -7.22 -2.64 17.66
N VAL B 104 -7.02 -1.76 16.67
CA VAL B 104 -7.25 -0.32 16.87
C VAL B 104 -8.34 0.15 15.91
N PHE B 105 -8.65 -0.69 14.94
CA PHE B 105 -9.70 -0.42 13.98
C PHE B 105 -9.57 0.83 13.10
N TYR B 106 -8.57 0.87 12.23
CA TYR B 106 -8.37 2.01 11.34
C TYR B 106 -7.93 1.52 9.95
N TYR B 107 -8.29 2.27 8.90
CA TYR B 107 -7.92 1.92 7.53
C TYR B 107 -6.62 2.60 7.19
N ALA B 108 -5.91 2.09 6.18
CA ALA B 108 -4.67 2.72 5.77
C ALA B 108 -4.16 2.13 4.48
N MET B 109 -3.47 2.96 3.71
CA MET B 109 -2.90 2.54 2.44
C MET B 109 -1.43 2.32 2.67
N ASP B 110 -1.06 1.10 3.02
CA ASP B 110 0.33 0.83 3.28
C ASP B 110 1.29 0.59 2.12
N TYR B 111 0.99 -0.38 1.25
CA TYR B 111 1.92 -0.66 0.16
C TYR B 111 1.55 -0.11 -1.15
N TRP B 112 2.32 0.90 -1.53
CA TRP B 112 2.10 1.56 -2.80
C TRP B 112 2.89 0.88 -3.92
N GLY B 113 2.27 0.75 -5.10
CA GLY B 113 2.95 0.13 -6.22
C GLY B 113 4.04 1.07 -6.75
N GLN B 114 4.61 0.74 -7.91
CA GLN B 114 5.64 1.60 -8.50
C GLN B 114 4.98 2.60 -9.42
N GLY B 115 3.85 2.21 -9.97
CA GLY B 115 3.13 3.09 -10.87
C GLY B 115 3.44 2.73 -12.30
N THR B 116 2.59 3.22 -13.21
CA THR B 116 2.74 3.01 -14.63
C THR B 116 2.03 4.18 -15.33
N SER B 117 2.83 4.90 -16.13
CA SER B 117 2.42 6.09 -16.87
C SER B 117 1.51 5.79 -18.05
N VAL B 118 0.43 6.53 -18.18
CA VAL B 118 -0.47 6.30 -19.30
C VAL B 118 -0.81 7.61 -20.01
N THR B 119 -0.40 7.71 -21.27
CA THR B 119 -0.72 8.91 -22.01
C THR B 119 -1.90 8.62 -22.96
N VAL B 120 -2.88 9.52 -22.97
CA VAL B 120 -4.04 9.36 -23.85
C VAL B 120 -3.93 10.42 -24.95
N SER B 121 -3.38 10.00 -26.09
CA SER B 121 -3.13 10.89 -27.21
C SER B 121 -3.52 10.27 -28.52
N SER B 122 -4.00 11.11 -29.43
CA SER B 122 -4.39 10.63 -30.74
C SER B 122 -3.29 11.02 -31.76
N ALA B 123 -2.08 11.24 -31.28
CA ALA B 123 -1.00 11.65 -32.17
C ALA B 123 -0.10 10.56 -32.75
N LYS B 124 0.22 10.69 -34.02
CA LYS B 124 1.12 9.76 -34.70
C LYS B 124 2.52 10.24 -34.37
N THR B 125 3.47 9.31 -34.40
CA THR B 125 4.85 9.60 -34.16
C THR B 125 5.30 10.70 -35.11
N THR B 126 5.57 11.91 -34.63
CA THR B 126 6.02 12.95 -35.56
C THR B 126 7.30 13.60 -35.07
N PRO B 127 8.30 13.72 -35.95
CA PRO B 127 9.60 14.33 -35.63
C PRO B 127 9.41 15.80 -35.26
N PRO B 128 10.34 16.34 -34.47
CA PRO B 128 10.34 17.73 -34.02
C PRO B 128 10.91 18.72 -35.05
N SER B 129 10.27 19.86 -35.21
CA SER B 129 10.78 20.89 -36.11
C SER B 129 11.68 21.68 -35.17
N VAL B 130 12.91 21.95 -35.57
CA VAL B 130 13.87 22.64 -34.70
C VAL B 130 14.29 24.03 -35.16
N TYR B 131 13.88 25.08 -34.43
CA TYR B 131 14.24 26.48 -34.72
C TYR B 131 15.35 27.00 -33.79
N PRO B 132 16.42 27.57 -34.36
CA PRO B 132 17.53 28.08 -33.55
C PRO B 132 17.19 29.43 -32.86
N LEU B 133 17.72 29.59 -31.65
CA LEU B 133 17.50 30.79 -30.85
C LEU B 133 18.76 31.60 -30.57
N ALA B 134 18.83 32.80 -31.14
CA ALA B 134 19.96 33.71 -30.95
C ALA B 134 19.41 34.94 -30.21
N PRO B 135 20.28 35.64 -29.48
CA PRO B 135 20.00 36.83 -28.68
C PRO B 135 19.18 37.93 -29.33
N GLY B 136 19.62 38.41 -30.49
CA GLY B 136 18.88 39.47 -31.18
C GLY B 136 19.14 40.87 -30.68
N SER B 137 18.93 41.08 -29.38
CA SER B 137 19.14 42.37 -28.73
C SER B 137 20.50 42.41 -28.01
N ALA B 138 21.56 42.73 -28.76
CA ALA B 138 22.93 42.78 -28.21
C ALA B 138 23.19 43.93 -27.24
N ALA B 139 22.81 43.72 -25.98
CA ALA B 139 23.00 44.71 -24.94
C ALA B 139 24.47 44.83 -24.55
N GLN B 140 25.26 43.83 -24.94
CA GLN B 140 26.70 43.74 -24.67
C GLN B 140 27.02 43.74 -23.18
N THR B 141 26.06 43.31 -22.37
CA THR B 141 26.20 43.28 -20.91
C THR B 141 27.47 42.64 -20.37
N ASN B 142 27.62 41.33 -20.58
CA ASN B 142 28.78 40.64 -20.07
C ASN B 142 29.31 39.59 -21.03
N SER B 143 30.46 39.02 -20.70
CA SER B 143 31.13 38.00 -21.51
C SER B 143 30.37 36.71 -21.81
N MET B 144 29.22 36.50 -21.19
CA MET B 144 28.48 35.24 -21.42
C MET B 144 27.26 35.30 -22.31
N VAL B 145 27.44 35.09 -23.61
CA VAL B 145 26.30 35.12 -24.53
C VAL B 145 25.59 33.79 -24.38
N THR B 146 24.26 33.81 -24.43
CA THR B 146 23.49 32.58 -24.28
C THR B 146 22.64 32.26 -25.50
N LEU B 147 22.87 31.08 -26.09
CA LEU B 147 22.13 30.64 -27.26
C LEU B 147 21.10 29.62 -26.84
N GLY B 148 20.10 29.41 -27.69
CA GLY B 148 19.05 28.47 -27.41
C GLY B 148 18.64 27.72 -28.65
N CYS B 149 17.73 26.75 -28.49
CA CYS B 149 17.28 25.92 -29.59
C CYS B 149 15.90 25.38 -29.27
N LEU B 150 14.91 25.78 -30.05
CA LEU B 150 13.53 25.31 -29.80
C LEU B 150 13.28 23.99 -30.52
N VAL B 151 12.72 23.03 -29.80
CA VAL B 151 12.39 21.75 -30.40
C VAL B 151 10.87 21.67 -30.36
N LYS B 152 10.25 22.16 -31.43
CA LYS B 152 8.81 22.21 -31.51
C LYS B 152 8.18 20.94 -31.99
N GLY B 153 6.92 20.84 -31.62
CA GLY B 153 6.07 19.72 -31.98
C GLY B 153 6.45 18.33 -32.45
N TYR B 154 7.03 17.54 -31.56
CA TYR B 154 7.35 16.16 -31.89
C TYR B 154 6.44 15.30 -31.03
N PHE B 155 6.57 14.00 -31.23
CA PHE B 155 5.80 13.01 -30.48
C PHE B 155 6.28 11.65 -30.95
N PRO B 156 6.50 10.74 -30.01
CA PRO B 156 6.35 10.84 -28.56
C PRO B 156 7.67 11.27 -27.94
N GLU B 157 7.80 11.19 -26.61
CA GLU B 157 9.07 11.55 -25.99
C GLU B 157 10.01 10.35 -26.12
N PRO B 158 11.31 10.56 -25.93
CA PRO B 158 12.03 11.78 -25.61
C PRO B 158 12.89 12.20 -26.79
N VAL B 159 13.37 13.44 -26.75
CA VAL B 159 14.26 13.93 -27.79
C VAL B 159 15.62 14.03 -27.09
N THR B 160 16.69 14.26 -27.84
CA THR B 160 18.05 14.36 -27.28
C THR B 160 18.79 15.57 -27.83
N VAL B 161 18.71 16.68 -27.10
CA VAL B 161 19.38 17.89 -27.51
C VAL B 161 20.83 17.76 -27.08
N THR B 162 21.71 18.32 -27.90
CA THR B 162 23.14 18.27 -27.68
C THR B 162 23.62 19.49 -28.42
N TRP B 163 24.73 20.05 -27.98
CA TRP B 163 25.28 21.21 -28.64
C TRP B 163 26.63 20.76 -29.10
N ASN B 164 26.98 21.15 -30.31
CA ASN B 164 28.26 20.79 -30.89
C ASN B 164 28.63 19.34 -30.70
N SER B 165 27.61 18.51 -30.80
CA SER B 165 27.79 17.08 -30.71
C SER B 165 28.39 16.62 -29.37
N GLY B 166 28.37 17.49 -28.38
CA GLY B 166 28.93 17.15 -27.08
C GLY B 166 30.12 18.04 -26.71
N SER B 167 30.71 18.72 -27.68
CA SER B 167 31.82 19.62 -27.38
C SER B 167 31.41 20.58 -26.27
N LEU B 168 30.27 21.25 -26.43
CA LEU B 168 29.80 22.15 -25.39
C LEU B 168 29.04 21.34 -24.37
N SER B 169 29.42 21.51 -23.12
CA SER B 169 28.81 20.80 -22.01
C SER B 169 28.54 21.79 -20.87
N SER B 170 29.45 22.73 -20.72
CA SER B 170 29.33 23.75 -19.70
C SER B 170 28.02 24.54 -19.82
N GLY B 171 27.10 24.28 -18.91
CA GLY B 171 25.84 24.99 -18.92
C GLY B 171 25.01 24.78 -20.18
N VAL B 172 24.58 23.54 -20.39
CA VAL B 172 23.78 23.19 -21.54
C VAL B 172 22.27 23.21 -21.29
N HIS B 173 21.87 23.45 -20.04
CA HIS B 173 20.46 23.57 -19.63
C HIS B 173 19.40 23.15 -20.67
N THR B 174 18.84 21.94 -20.50
CA THR B 174 17.81 21.45 -21.41
C THR B 174 16.59 21.18 -20.59
N PHE B 175 15.64 22.09 -20.68
CA PHE B 175 14.38 22.04 -19.93
C PHE B 175 13.46 20.89 -20.28
N PRO B 176 12.45 20.62 -19.45
CA PRO B 176 11.48 19.56 -19.70
C PRO B 176 10.46 19.93 -20.76
N ALA B 177 9.96 18.92 -21.44
CA ALA B 177 8.99 19.17 -22.50
C ALA B 177 7.66 19.63 -21.92
N VAL B 178 6.87 20.32 -22.74
CA VAL B 178 5.54 20.76 -22.37
C VAL B 178 4.60 20.19 -23.45
N LEU B 179 3.31 20.43 -23.27
CA LEU B 179 2.31 19.90 -24.17
C LEU B 179 1.41 20.93 -24.87
N GLN B 180 2.00 21.74 -25.74
CA GLN B 180 1.27 22.74 -26.51
C GLN B 180 0.57 21.90 -27.58
N SER B 181 -0.69 22.25 -27.85
CA SER B 181 -1.49 21.53 -28.82
C SER B 181 -1.56 20.08 -28.37
N ASP B 182 -0.88 19.22 -29.11
CA ASP B 182 -0.88 17.82 -28.81
C ASP B 182 0.46 17.18 -29.00
N LEU B 183 1.48 18.01 -29.12
CA LEU B 183 2.80 17.48 -29.31
C LEU B 183 3.70 18.09 -28.26
N TYR B 184 4.86 17.51 -28.05
CA TYR B 184 5.79 18.00 -27.04
C TYR B 184 6.77 19.04 -27.49
N THR B 185 6.71 20.27 -26.98
CA THR B 185 7.75 21.23 -27.39
C THR B 185 8.72 21.33 -26.23
N LEU B 186 9.97 21.62 -26.53
CA LEU B 186 11.00 21.69 -25.51
C LEU B 186 12.10 22.61 -26.00
N SER B 187 13.03 22.99 -25.13
CA SER B 187 14.12 23.88 -25.53
C SER B 187 15.32 23.59 -24.70
N SER B 188 16.47 24.10 -25.14
CA SER B 188 17.76 23.89 -24.48
C SER B 188 18.65 25.08 -24.81
N SER B 189 19.45 25.53 -23.84
CA SER B 189 20.32 26.67 -24.07
C SER B 189 21.68 26.45 -23.51
N VAL B 190 22.69 26.80 -24.29
CA VAL B 190 24.08 26.69 -23.89
C VAL B 190 24.56 28.13 -23.79
N THR B 191 25.43 28.40 -22.83
CA THR B 191 25.98 29.74 -22.64
C THR B 191 27.45 29.68 -22.99
N VAL B 192 27.90 30.68 -23.73
CA VAL B 192 29.28 30.73 -24.14
C VAL B 192 29.80 32.15 -23.97
N PRO B 193 31.11 32.36 -24.17
CA PRO B 193 31.77 33.66 -24.06
C PRO B 193 31.64 34.43 -25.37
N SER B 194 31.51 35.75 -25.29
CA SER B 194 31.35 36.59 -26.48
C SER B 194 32.52 36.42 -27.43
N SER B 195 33.61 35.90 -26.89
CA SER B 195 34.81 35.62 -27.64
C SER B 195 34.77 34.15 -28.03
N THR B 196 33.63 33.74 -28.58
CA THR B 196 33.37 32.37 -29.02
C THR B 196 32.25 32.40 -30.06
N TRP B 197 31.38 33.40 -29.95
CA TRP B 197 30.25 33.54 -30.84
C TRP B 197 30.09 35.02 -31.20
N PRO B 198 29.89 35.33 -32.50
CA PRO B 198 29.79 34.41 -33.64
C PRO B 198 31.11 33.79 -34.13
N SER B 199 32.22 34.16 -33.48
CA SER B 199 33.55 33.67 -33.85
C SER B 199 33.57 32.22 -34.30
N GLU B 200 33.11 31.35 -33.41
CA GLU B 200 33.06 29.91 -33.68
C GLU B 200 31.60 29.53 -33.84
N THR B 201 31.37 28.37 -34.44
CA THR B 201 30.02 27.90 -34.64
C THR B 201 29.57 27.06 -33.47
N VAL B 202 28.37 27.35 -32.99
CA VAL B 202 27.76 26.63 -31.89
C VAL B 202 26.56 26.02 -32.57
N THR B 203 26.57 24.68 -32.68
CA THR B 203 25.47 23.97 -33.33
C THR B 203 24.58 23.20 -32.38
N CYS B 204 23.32 23.15 -32.75
CA CYS B 204 22.30 22.48 -31.96
C CYS B 204 21.95 21.17 -32.63
N ASN B 205 21.98 20.06 -31.91
CA ASN B 205 21.70 18.74 -32.48
C ASN B 205 20.52 18.09 -31.78
N VAL B 206 19.50 17.71 -32.55
CA VAL B 206 18.29 17.13 -31.98
C VAL B 206 17.93 15.76 -32.54
N ALA B 207 18.24 14.69 -31.80
CA ALA B 207 17.90 13.34 -32.26
C ALA B 207 16.60 12.92 -31.64
N HIS B 208 15.67 12.43 -32.46
CA HIS B 208 14.38 11.98 -31.94
C HIS B 208 14.11 10.55 -32.39
N PRO B 209 14.66 9.58 -31.63
CA PRO B 209 14.58 8.13 -31.83
C PRO B 209 13.25 7.56 -32.35
N ALA B 210 12.16 7.97 -31.74
CA ALA B 210 10.84 7.49 -32.13
C ALA B 210 10.55 7.66 -33.62
N SER B 211 11.14 8.67 -34.25
CA SER B 211 10.91 8.94 -35.67
C SER B 211 12.21 9.00 -36.45
N SER B 212 13.19 8.24 -35.98
CA SER B 212 14.52 8.15 -36.57
C SER B 212 15.09 9.37 -37.29
N THR B 213 14.65 10.56 -36.87
CA THR B 213 15.11 11.79 -37.45
C THR B 213 16.15 12.43 -36.52
N LYS B 214 17.12 13.11 -37.11
CA LYS B 214 18.19 13.75 -36.34
C LYS B 214 18.60 15.01 -37.09
N VAL B 215 18.05 16.13 -36.63
CA VAL B 215 18.27 17.46 -37.19
C VAL B 215 19.39 18.17 -36.43
N ASP B 216 20.25 18.86 -37.15
CA ASP B 216 21.30 19.65 -36.53
C ASP B 216 20.87 21.02 -37.04
N LYS B 217 21.15 22.09 -36.33
CA LYS B 217 20.71 23.40 -36.77
C LYS B 217 21.74 24.36 -36.15
N LYS B 218 22.55 24.99 -37.01
CA LYS B 218 23.60 25.92 -36.57
C LYS B 218 22.91 27.20 -36.21
N ILE B 219 23.24 27.73 -35.04
CA ILE B 219 22.61 28.96 -34.56
C ILE B 219 23.38 30.22 -35.02
N VAL B 220 22.81 30.95 -35.96
CA VAL B 220 23.45 32.15 -36.49
C VAL B 220 22.99 33.35 -35.71
N PRO B 221 23.79 34.44 -35.75
CA PRO B 221 23.51 35.70 -35.07
C PRO B 221 22.50 36.53 -35.85
N VAL C 16 2.38 -55.62 45.89
CA VAL C 16 1.85 -54.49 45.09
C VAL C 16 3.02 -53.73 44.53
N GLN C 17 2.83 -53.18 43.34
CA GLN C 17 3.85 -52.39 42.69
C GLN C 17 3.60 -51.02 43.32
N SER C 18 4.62 -50.49 44.00
CA SER C 18 4.51 -49.19 44.65
C SER C 18 5.75 -48.30 44.44
N SER C 19 6.25 -48.24 43.21
CA SER C 19 7.39 -47.40 42.92
C SER C 19 7.63 -47.23 41.42
N SER C 20 8.05 -46.03 41.04
CA SER C 20 8.34 -45.72 39.66
C SER C 20 9.81 -45.37 39.51
N THR C 21 10.33 -45.49 38.30
CA THR C 21 11.72 -45.13 38.01
C THR C 21 11.77 -43.66 38.29
N GLY C 22 10.79 -42.98 37.71
CA GLY C 22 10.66 -41.54 37.83
C GLY C 22 10.55 -40.95 36.46
N LYS C 23 10.96 -41.71 35.45
CA LYS C 23 10.90 -41.22 34.10
C LYS C 23 9.81 -41.97 33.34
N ILE C 24 9.57 -41.54 32.13
CA ILE C 24 8.56 -42.10 31.29
C ILE C 24 9.40 -42.62 30.13
N CYS C 25 9.43 -43.93 29.91
CA CYS C 25 10.27 -44.50 28.86
C CYS C 25 9.76 -44.25 27.45
N ASN C 26 10.65 -43.82 26.55
CA ASN C 26 10.29 -43.47 25.17
C ASN C 26 9.84 -44.65 24.33
N ASN C 27 10.18 -45.85 24.79
CA ASN C 27 9.80 -47.08 24.10
C ASN C 27 8.99 -47.93 25.08
N PRO C 28 8.03 -48.70 24.56
CA PRO C 28 7.66 -48.83 23.16
C PRO C 28 6.46 -48.04 22.61
N HIS C 29 5.78 -47.26 23.44
CA HIS C 29 4.63 -46.50 22.97
C HIS C 29 5.09 -45.16 22.44
N ARG C 30 4.48 -44.70 21.33
CA ARG C 30 4.79 -43.42 20.73
C ARG C 30 4.26 -42.36 21.70
N ILE C 31 5.16 -41.82 22.51
CA ILE C 31 4.88 -40.81 23.55
C ILE C 31 5.21 -39.40 23.06
N LEU C 32 4.19 -38.56 22.86
CA LEU C 32 4.43 -37.19 22.41
C LEU C 32 4.46 -36.21 23.58
N ASP C 33 5.62 -35.61 23.80
CA ASP C 33 5.76 -34.63 24.87
C ASP C 33 5.33 -33.29 24.26
N GLY C 34 4.40 -32.60 24.91
CA GLY C 34 3.94 -31.33 24.36
C GLY C 34 4.80 -30.13 24.68
N ILE C 35 5.80 -30.36 25.53
CA ILE C 35 6.72 -29.31 26.00
C ILE C 35 5.82 -28.22 26.58
N ASP C 36 5.83 -27.04 25.96
CA ASP C 36 5.04 -25.94 26.48
C ASP C 36 3.68 -25.71 25.85
N CYS C 37 3.20 -26.71 25.11
CA CYS C 37 1.87 -26.62 24.49
C CYS C 37 0.95 -27.69 25.08
N THR C 38 -0.31 -27.35 25.34
CA THR C 38 -1.23 -28.37 25.81
C THR C 38 -1.79 -28.92 24.51
N LEU C 39 -2.66 -29.91 24.61
CA LEU C 39 -3.24 -30.46 23.40
C LEU C 39 -4.03 -29.37 22.70
N ILE C 40 -5.11 -28.90 23.32
CA ILE C 40 -6.01 -27.88 22.73
C ILE C 40 -5.26 -26.70 22.02
N ASP C 41 -4.11 -26.25 22.55
CA ASP C 41 -3.35 -25.17 21.93
C ASP C 41 -2.71 -25.67 20.67
N ALA C 42 -2.16 -26.87 20.76
CA ALA C 42 -1.55 -27.48 19.59
C ALA C 42 -2.67 -27.77 18.57
N LEU C 43 -3.87 -28.11 19.04
CA LEU C 43 -5.02 -28.38 18.13
C LEU C 43 -5.44 -27.15 17.30
N LEU C 44 -5.77 -26.07 18.00
CA LEU C 44 -6.19 -24.82 17.39
C LEU C 44 -5.03 -24.25 16.57
N GLY C 45 -3.83 -24.47 17.04
CA GLY C 45 -2.69 -23.98 16.30
C GLY C 45 -2.24 -22.65 16.82
N ASP C 46 -1.82 -22.67 18.07
CA ASP C 46 -1.30 -21.52 18.77
C ASP C 46 0.05 -21.44 18.09
N PRO C 47 0.46 -20.25 17.63
CA PRO C 47 1.74 -20.08 16.95
C PRO C 47 2.91 -20.89 17.50
N HIS C 48 3.04 -21.05 18.82
CA HIS C 48 4.16 -21.85 19.35
C HIS C 48 3.98 -23.37 19.43
N CYS C 49 2.94 -23.87 18.78
CA CYS C 49 2.66 -25.29 18.75
C CYS C 49 2.59 -25.64 17.28
N ASP C 50 3.15 -24.78 16.45
CA ASP C 50 3.11 -25.04 15.04
C ASP C 50 3.86 -26.33 14.81
N VAL C 51 4.75 -26.68 15.71
CA VAL C 51 5.48 -27.94 15.56
C VAL C 51 4.66 -29.21 15.67
N PHE C 52 3.56 -29.15 16.41
CA PHE C 52 2.73 -30.33 16.61
C PHE C 52 1.78 -30.62 15.44
N GLN C 53 1.90 -29.88 14.35
CA GLN C 53 1.03 -30.09 13.21
C GLN C 53 1.10 -31.48 12.61
N ASN C 54 -0.08 -32.07 12.45
CA ASN C 54 -0.19 -33.41 11.90
C ASN C 54 0.53 -34.47 12.74
N GLU C 55 0.98 -34.12 13.94
CA GLU C 55 1.66 -35.09 14.79
C GLU C 55 0.68 -36.23 15.15
N THR C 56 1.24 -37.32 15.69
CA THR C 56 0.51 -38.55 16.04
C THR C 56 1.09 -39.17 17.34
N TRP C 57 0.28 -39.86 18.12
CA TRP C 57 0.80 -40.42 19.38
C TRP C 57 -0.08 -41.55 19.92
N ASP C 58 0.49 -42.28 20.88
CA ASP C 58 -0.20 -43.37 21.59
C ASP C 58 -0.57 -42.67 22.92
N LEU C 59 0.38 -41.93 23.45
CA LEU C 59 0.19 -41.21 24.68
C LEU C 59 0.80 -39.82 24.49
N PHE C 60 0.02 -38.80 24.85
CA PHE C 60 0.41 -37.40 24.78
C PHE C 60 0.46 -36.94 26.22
N VAL C 61 1.67 -36.59 26.67
CA VAL C 61 1.94 -36.08 28.02
C VAL C 61 1.88 -34.55 27.98
N GLU C 62 1.02 -33.90 28.78
CA GLU C 62 0.95 -32.42 28.86
C GLU C 62 1.79 -31.99 30.08
N ARG C 63 2.77 -31.10 29.88
CA ARG C 63 3.64 -30.66 30.98
C ARG C 63 3.01 -29.50 31.72
N SER C 64 3.74 -28.94 32.70
CA SER C 64 3.23 -27.79 33.47
C SER C 64 3.58 -26.47 32.79
N LYS C 65 4.80 -26.35 32.29
CA LYS C 65 5.26 -25.17 31.56
C LYS C 65 4.11 -24.57 30.76
N ALA C 66 3.43 -25.44 30.03
CA ALA C 66 2.28 -25.14 29.18
C ALA C 66 1.57 -23.81 29.32
N PHE C 67 1.69 -22.95 28.31
CA PHE C 67 1.04 -21.65 28.37
C PHE C 67 0.55 -21.34 27.00
N SER C 68 -0.63 -20.72 26.92
CA SER C 68 -1.16 -20.32 25.64
C SER C 68 -0.42 -19.04 25.33
N ASN C 69 -0.68 -18.41 24.18
CA ASN C 69 0.01 -17.18 23.81
C ASN C 69 -0.53 -16.72 22.45
N CYS C 70 -1.86 -16.63 22.37
CA CYS C 70 -2.56 -16.21 21.17
C CYS C 70 -3.86 -15.54 21.66
N TYR C 71 -4.81 -15.30 20.76
CA TYR C 71 -6.08 -14.64 21.10
C TYR C 71 -6.78 -15.32 22.26
N PRO C 72 -7.14 -14.55 23.31
CA PRO C 72 -7.81 -15.08 24.50
C PRO C 72 -9.10 -15.82 24.12
N TYR C 73 -9.20 -17.09 24.54
CA TYR C 73 -10.36 -17.90 24.18
C TYR C 73 -10.73 -18.81 25.33
N ASP C 74 -11.94 -19.33 25.26
CA ASP C 74 -12.42 -20.26 26.25
C ASP C 74 -13.12 -21.38 25.52
N VAL C 75 -13.00 -22.58 26.06
CA VAL C 75 -13.62 -23.75 25.47
C VAL C 75 -14.61 -24.40 26.43
N PRO C 76 -15.93 -24.15 26.25
CA PRO C 76 -16.93 -24.76 27.15
C PRO C 76 -16.98 -26.20 26.67
N ASP C 77 -16.89 -27.16 27.60
CA ASP C 77 -16.87 -28.59 27.26
C ASP C 77 -15.41 -28.86 26.86
N TYR C 78 -14.49 -28.21 27.58
CA TYR C 78 -13.09 -28.36 27.32
C TYR C 78 -12.59 -29.77 27.59
N ALA C 79 -12.68 -30.20 28.85
CA ALA C 79 -12.23 -31.54 29.25
C ALA C 79 -12.78 -32.68 28.41
N SER C 80 -13.94 -32.44 27.78
CA SER C 80 -14.56 -33.43 26.94
C SER C 80 -14.03 -33.37 25.48
N LEU C 81 -13.86 -32.17 24.91
CA LEU C 81 -13.31 -32.00 23.53
C LEU C 81 -11.85 -32.44 23.55
N ARG C 82 -11.17 -32.12 24.66
CA ARG C 82 -9.78 -32.49 24.87
C ARG C 82 -9.67 -34.00 24.84
N SER C 83 -10.53 -34.70 25.58
CA SER C 83 -10.48 -36.15 25.63
C SER C 83 -10.81 -36.81 24.30
N LEU C 84 -11.81 -36.30 23.61
CA LEU C 84 -12.17 -36.88 22.33
C LEU C 84 -10.97 -36.82 21.37
N VAL C 85 -10.24 -35.70 21.34
CA VAL C 85 -9.07 -35.61 20.47
C VAL C 85 -7.95 -36.50 20.95
N ALA C 86 -7.66 -36.43 22.24
CA ALA C 86 -6.59 -37.21 22.85
C ALA C 86 -6.63 -38.68 22.54
N SER C 87 -7.84 -39.23 22.55
CA SER C 87 -8.10 -40.62 22.29
C SER C 87 -7.85 -40.91 20.87
N SER C 88 -8.40 -40.10 19.97
CA SER C 88 -8.17 -40.26 18.53
C SER C 88 -6.66 -40.39 18.23
N GLY C 89 -5.80 -39.79 19.04
CA GLY C 89 -4.37 -39.93 18.86
C GLY C 89 -3.66 -39.39 17.63
N THR C 90 -4.39 -38.72 16.74
CA THR C 90 -3.77 -38.12 15.56
C THR C 90 -4.17 -36.66 15.63
N LEU C 91 -3.41 -35.80 14.96
CA LEU C 91 -3.73 -34.38 14.92
C LEU C 91 -3.84 -33.99 13.42
N GLU C 92 -3.99 -35.00 12.56
CA GLU C 92 -4.06 -34.83 11.12
C GLU C 92 -5.15 -33.91 10.67
N PHE C 93 -4.77 -32.73 10.24
CA PHE C 93 -5.75 -31.77 9.78
C PHE C 93 -5.80 -31.81 8.26
N ILE C 94 -7.01 -31.70 7.72
CA ILE C 94 -7.28 -31.73 6.28
C ILE C 94 -7.98 -30.44 5.79
N THR C 95 -7.26 -29.58 5.10
CA THR C 95 -7.89 -28.36 4.59
C THR C 95 -9.02 -28.61 3.60
N GLU C 96 -10.02 -27.72 3.64
CA GLU C 96 -11.16 -27.84 2.75
C GLU C 96 -11.47 -26.56 2.02
N GLY C 97 -12.03 -26.70 0.84
CA GLY C 97 -12.33 -25.52 0.06
C GLY C 97 -13.50 -24.68 0.51
N PHE C 98 -13.45 -24.10 1.70
CA PHE C 98 -14.58 -23.29 2.11
C PHE C 98 -14.61 -22.04 1.21
N THR C 99 -15.80 -21.62 0.81
CA THR C 99 -16.01 -20.47 -0.06
C THR C 99 -16.70 -19.28 0.59
N TRP C 100 -15.92 -18.35 1.13
CA TRP C 100 -16.53 -17.20 1.79
C TRP C 100 -16.57 -16.04 0.81
N THR C 101 -17.72 -15.78 0.21
CA THR C 101 -17.82 -14.67 -0.71
C THR C 101 -18.64 -13.52 -0.08
N GLY C 102 -17.94 -12.41 0.16
CA GLY C 102 -18.57 -11.25 0.77
C GLY C 102 -17.91 -10.71 2.03
N VAL C 103 -16.95 -11.46 2.57
CA VAL C 103 -16.26 -11.05 3.78
C VAL C 103 -14.74 -11.15 3.63
N ILE C 104 -14.01 -10.49 4.52
CA ILE C 104 -12.53 -10.55 4.48
C ILE C 104 -12.09 -11.75 5.29
N GLN C 105 -11.29 -12.62 4.69
CA GLN C 105 -10.83 -13.78 5.43
C GLN C 105 -9.53 -13.47 6.14
N ASN C 106 -8.79 -14.52 6.47
CA ASN C 106 -7.50 -14.43 7.14
C ASN C 106 -7.24 -13.36 8.23
N GLY C 107 -8.29 -12.88 8.90
CA GLY C 107 -8.12 -11.88 9.95
C GLY C 107 -7.12 -12.31 11.00
N GLY C 108 -6.57 -11.37 11.75
CA GLY C 108 -5.60 -11.74 12.75
C GLY C 108 -5.38 -10.69 13.82
N SER C 109 -4.47 -10.97 14.76
CA SER C 109 -4.20 -10.03 15.83
C SER C 109 -2.81 -10.00 16.49
N ASN C 110 -2.56 -8.87 17.13
CA ASN C 110 -1.32 -8.59 17.81
C ASN C 110 -1.13 -9.39 19.07
N ALA C 111 -2.20 -9.96 19.58
CA ALA C 111 -2.08 -10.77 20.77
C ALA C 111 -1.71 -12.19 20.34
N CYS C 112 -1.51 -12.40 19.03
CA CYS C 112 -1.15 -13.70 18.48
C CYS C 112 -0.26 -13.48 17.28
N LYS C 113 0.79 -12.69 17.43
CA LYS C 113 1.67 -12.39 16.31
C LYS C 113 2.32 -13.61 15.68
N ARG C 114 2.62 -13.48 14.38
CA ARG C 114 3.26 -14.51 13.57
C ARG C 114 4.06 -13.83 12.45
N GLY C 115 5.32 -14.22 12.31
CA GLY C 115 6.17 -13.60 11.30
C GLY C 115 6.43 -12.16 11.69
N PRO C 116 6.14 -11.21 10.80
CA PRO C 116 6.33 -9.78 11.03
C PRO C 116 5.26 -9.07 11.88
N GLY C 117 4.06 -9.66 12.00
CA GLY C 117 3.03 -9.00 12.79
C GLY C 117 1.83 -9.84 13.21
N SER C 118 0.64 -9.27 13.05
CA SER C 118 -0.64 -9.89 13.41
C SER C 118 -0.81 -11.34 12.97
N GLY C 119 -1.26 -12.16 13.92
CA GLY C 119 -1.47 -13.58 13.68
C GLY C 119 -2.70 -14.14 14.38
N PHE C 120 -2.90 -15.44 14.26
CA PHE C 120 -4.07 -16.09 14.84
C PHE C 120 -3.80 -17.59 14.80
N PHE C 121 -4.78 -18.38 15.22
CA PHE C 121 -4.66 -19.83 15.24
C PHE C 121 -4.57 -20.34 13.83
N SER C 122 -3.56 -21.15 13.55
CA SER C 122 -3.38 -21.65 12.19
C SER C 122 -4.58 -22.42 11.68
N ARG C 123 -5.27 -23.11 12.56
CA ARG C 123 -6.41 -23.89 12.12
C ARG C 123 -7.78 -23.21 12.11
N LEU C 124 -7.78 -21.88 12.23
CA LEU C 124 -9.04 -21.12 12.27
C LEU C 124 -8.97 -19.94 11.30
N ASN C 125 -10.11 -19.51 10.79
CA ASN C 125 -10.14 -18.44 9.81
C ASN C 125 -11.09 -17.39 10.26
N TRP C 126 -10.54 -16.26 10.66
CA TRP C 126 -11.34 -15.13 11.15
C TRP C 126 -11.97 -14.33 10.01
N LEU C 127 -13.27 -14.39 9.86
CA LEU C 127 -13.86 -13.59 8.81
C LEU C 127 -14.32 -12.30 9.46
N THR C 128 -14.25 -11.22 8.68
CA THR C 128 -14.62 -9.88 9.11
C THR C 128 -15.38 -9.27 7.93
N LYS C 129 -15.94 -8.08 8.11
CA LYS C 129 -16.71 -7.43 7.04
C LYS C 129 -15.88 -7.06 5.80
N SER C 130 -16.52 -7.03 4.63
CA SER C 130 -15.80 -6.62 3.44
C SER C 130 -16.26 -5.22 3.12
N GLY C 131 -15.53 -4.25 3.64
CA GLY C 131 -15.91 -2.87 3.40
C GLY C 131 -17.28 -2.55 3.99
N SER C 132 -18.15 -1.99 3.17
CA SER C 132 -19.48 -1.59 3.62
C SER C 132 -20.33 -2.64 4.36
N THR C 133 -20.16 -3.94 4.06
CA THR C 133 -21.00 -4.97 4.68
C THR C 133 -20.49 -6.36 5.05
N TYR C 134 -21.34 -7.07 5.79
CA TYR C 134 -21.10 -8.44 6.24
C TYR C 134 -22.37 -9.16 5.74
N PRO C 135 -22.24 -10.02 4.72
CA PRO C 135 -23.44 -10.68 4.22
C PRO C 135 -23.86 -11.79 5.13
N VAL C 136 -25.01 -12.36 4.84
CA VAL C 136 -25.49 -13.49 5.61
C VAL C 136 -24.88 -14.80 5.07
N LEU C 137 -23.66 -15.10 5.51
CA LEU C 137 -22.93 -16.30 5.15
C LEU C 137 -23.83 -17.51 5.34
N ASN C 138 -23.64 -18.54 4.52
CA ASN C 138 -24.39 -19.76 4.58
C ASN C 138 -23.74 -20.88 3.74
N VAL C 139 -22.52 -21.28 4.09
CA VAL C 139 -21.87 -22.32 3.31
C VAL C 139 -22.34 -23.67 3.81
N THR C 140 -22.10 -24.69 2.98
CA THR C 140 -22.49 -26.05 3.30
C THR C 140 -21.36 -26.94 2.79
N MET C 141 -20.99 -27.95 3.55
CA MET C 141 -19.89 -28.82 3.16
C MET C 141 -20.19 -30.27 3.47
N PRO C 142 -20.52 -31.06 2.44
CA PRO C 142 -20.85 -32.49 2.53
C PRO C 142 -19.73 -33.48 2.83
N ASN C 143 -19.98 -34.41 3.75
CA ASN C 143 -18.97 -35.42 4.08
C ASN C 143 -19.26 -36.61 3.22
N ASN C 144 -18.52 -36.73 2.13
CA ASN C 144 -18.73 -37.86 1.23
C ASN C 144 -17.83 -39.02 1.60
N ASP C 145 -16.84 -38.77 2.43
CA ASP C 145 -15.93 -39.82 2.82
C ASP C 145 -16.47 -40.96 3.69
N ASN C 146 -15.58 -41.91 3.97
CA ASN C 146 -15.86 -43.10 4.76
C ASN C 146 -15.32 -43.03 6.17
N PHE C 147 -15.33 -41.81 6.72
CA PHE C 147 -14.86 -41.56 8.08
C PHE C 147 -15.44 -40.26 8.63
N ASP C 148 -15.54 -40.16 9.94
CA ASP C 148 -16.09 -38.98 10.57
C ASP C 148 -15.19 -37.79 10.45
N LYS C 149 -15.81 -36.62 10.44
CA LYS C 149 -15.06 -35.40 10.34
C LYS C 149 -15.26 -34.62 11.63
N LEU C 150 -14.17 -34.12 12.21
CA LEU C 150 -14.30 -33.34 13.44
C LEU C 150 -14.06 -31.84 13.20
N TYR C 151 -15.07 -31.09 12.74
CA TYR C 151 -14.89 -29.65 12.51
C TYR C 151 -14.86 -28.89 13.84
N ILE C 152 -13.95 -27.92 13.95
CA ILE C 152 -13.81 -27.08 15.15
C ILE C 152 -14.06 -25.64 14.71
N TRP C 153 -14.93 -24.93 15.40
CA TRP C 153 -15.12 -23.57 15.00
C TRP C 153 -15.21 -22.74 16.24
N GLY C 154 -15.68 -21.51 16.10
CA GLY C 154 -15.80 -20.64 17.24
C GLY C 154 -16.63 -19.43 16.93
N ILE C 155 -16.95 -18.69 17.98
CA ILE C 155 -17.75 -17.49 17.89
C ILE C 155 -16.90 -16.45 18.59
N HIS C 156 -16.91 -15.21 18.09
CA HIS C 156 -16.15 -14.12 18.68
C HIS C 156 -17.08 -13.21 19.48
N HIS C 157 -16.69 -12.85 20.70
CA HIS C 157 -17.49 -11.97 21.55
C HIS C 157 -16.75 -10.67 21.73
N PRO C 158 -17.06 -9.65 20.91
CA PRO C 158 -16.32 -8.41 21.14
C PRO C 158 -16.74 -7.84 22.50
N SER C 159 -15.98 -6.90 23.02
CA SER C 159 -16.33 -6.34 24.30
C SER C 159 -17.09 -5.01 24.16
N THR C 160 -17.42 -4.61 22.95
CA THR C 160 -18.09 -3.34 22.81
C THR C 160 -18.92 -3.30 21.58
N ASN C 161 -19.97 -2.49 21.61
CA ASN C 161 -20.83 -2.41 20.45
C ASN C 161 -20.09 -1.74 19.28
N GLN C 162 -19.00 -1.03 19.62
CA GLN C 162 -18.13 -0.34 18.65
C GLN C 162 -17.35 -1.42 17.89
N GLU C 163 -16.71 -2.31 18.64
CA GLU C 163 -15.94 -3.39 18.08
C GLU C 163 -16.83 -4.32 17.27
N GLN C 164 -17.99 -4.62 17.81
CA GLN C 164 -18.95 -5.50 17.16
C GLN C 164 -19.29 -5.02 15.75
N THR C 165 -19.60 -3.73 15.67
CA THR C 165 -19.95 -3.05 14.43
C THR C 165 -18.77 -2.71 13.48
N SER C 166 -17.57 -2.42 14.02
CA SER C 166 -16.41 -2.14 13.15
C SER C 166 -16.10 -3.40 12.35
N LEU C 167 -16.08 -4.52 13.07
CA LEU C 167 -15.78 -5.82 12.48
C LEU C 167 -16.94 -6.47 11.77
N TYR C 168 -18.06 -6.67 12.45
CA TYR C 168 -19.13 -7.41 11.78
C TYR C 168 -20.31 -6.63 11.24
N VAL C 169 -20.20 -5.29 11.30
CA VAL C 169 -21.27 -4.39 10.88
C VAL C 169 -22.52 -4.60 11.74
N GLN C 170 -23.19 -5.75 11.55
CA GLN C 170 -24.38 -6.09 12.33
C GLN C 170 -24.21 -5.84 13.83
N ALA C 171 -25.22 -5.22 14.42
CA ALA C 171 -25.24 -4.83 15.85
C ALA C 171 -25.14 -5.96 16.85
N SER C 172 -25.32 -7.19 16.34
CA SER C 172 -25.25 -8.41 17.13
C SER C 172 -25.32 -9.56 16.15
N GLY C 173 -24.29 -10.39 16.17
CA GLY C 173 -24.21 -11.50 15.24
C GLY C 173 -24.84 -12.77 15.74
N ARG C 174 -24.61 -13.88 15.02
CA ARG C 174 -25.16 -15.17 15.35
C ARG C 174 -24.49 -16.25 14.58
N VAL C 175 -24.19 -17.36 15.23
CA VAL C 175 -23.58 -18.49 14.53
C VAL C 175 -24.41 -19.76 14.70
N THR C 176 -24.77 -20.38 13.58
CA THR C 176 -25.54 -21.60 13.53
C THR C 176 -24.73 -22.64 12.76
N VAL C 177 -24.38 -23.72 13.41
CA VAL C 177 -23.59 -24.76 12.77
C VAL C 177 -24.41 -26.07 12.80
N SER C 178 -25.19 -26.31 11.76
CA SER C 178 -26.04 -27.48 11.70
C SER C 178 -25.60 -28.61 10.77
N THR C 179 -25.96 -29.82 11.16
CA THR C 179 -25.71 -31.04 10.39
C THR C 179 -27.13 -31.55 10.23
N ARG C 180 -27.29 -32.76 9.69
CA ARG C 180 -28.66 -33.31 9.54
C ARG C 180 -29.35 -33.69 10.86
N ARG C 181 -28.57 -33.99 11.89
CA ARG C 181 -29.09 -34.36 13.19
C ARG C 181 -28.88 -33.36 14.33
N SER C 182 -27.95 -32.41 14.20
CA SER C 182 -27.71 -31.45 15.27
C SER C 182 -28.18 -30.05 14.91
N GLN C 183 -27.76 -29.05 15.70
CA GLN C 183 -28.10 -27.63 15.51
C GLN C 183 -27.65 -26.72 16.67
N GLN C 184 -26.44 -26.14 16.56
CA GLN C 184 -25.94 -25.20 17.56
C GLN C 184 -26.08 -23.78 17.02
N THR C 185 -26.87 -22.98 17.74
CA THR C 185 -27.12 -21.58 17.42
C THR C 185 -26.64 -20.76 18.64
N ILE C 186 -25.39 -20.31 18.62
CA ILE C 186 -24.80 -19.52 19.69
C ILE C 186 -24.81 -18.08 19.24
N ILE C 187 -25.20 -17.16 20.10
CA ILE C 187 -25.21 -15.77 19.68
C ILE C 187 -24.17 -15.06 20.56
N PRO C 188 -23.29 -14.27 19.93
CA PRO C 188 -22.24 -13.56 20.63
C PRO C 188 -22.81 -12.82 21.82
N ASN C 189 -21.92 -12.43 22.73
CA ASN C 189 -22.33 -11.72 23.91
C ASN C 189 -21.32 -10.63 24.15
N ILE C 190 -21.65 -9.40 23.74
CA ILE C 190 -20.75 -8.27 23.92
C ILE C 190 -20.57 -7.91 25.40
N GLY C 191 -19.35 -7.55 25.78
CA GLY C 191 -19.09 -7.14 27.15
C GLY C 191 -17.60 -7.20 27.36
N SER C 192 -17.11 -6.65 28.46
CA SER C 192 -15.68 -6.66 28.72
C SER C 192 -15.19 -7.70 29.73
N ARG C 193 -14.42 -8.66 29.26
CA ARG C 193 -13.82 -9.69 30.12
C ARG C 193 -12.44 -9.15 30.53
N PRO C 194 -11.75 -9.79 31.48
CA PRO C 194 -10.43 -9.37 31.96
C PRO C 194 -9.39 -9.35 30.86
N TRP C 195 -8.44 -8.45 31.02
CA TRP C 195 -7.38 -8.28 30.04
C TRP C 195 -6.46 -9.47 29.99
N VAL C 196 -6.15 -9.92 28.77
CA VAL C 196 -5.23 -11.03 28.58
C VAL C 196 -4.48 -10.67 27.34
N ARG C 197 -3.17 -10.55 27.44
CA ARG C 197 -2.37 -10.13 26.28
C ARG C 197 -2.98 -8.86 25.69
N GLY C 198 -3.37 -7.98 26.59
CA GLY C 198 -3.96 -6.73 26.16
C GLY C 198 -5.40 -6.76 25.66
N LEU C 199 -6.06 -7.90 25.71
CA LEU C 199 -7.45 -7.93 25.26
C LEU C 199 -8.46 -8.22 26.35
N SER C 200 -9.65 -7.66 26.17
CA SER C 200 -10.79 -7.81 27.07
C SER C 200 -11.87 -8.55 26.29
N SER C 201 -11.51 -8.97 25.08
CA SER C 201 -12.41 -9.66 24.18
C SER C 201 -12.14 -11.17 24.31
N ARG C 202 -12.97 -12.02 23.71
CA ARG C 202 -12.72 -13.46 23.77
C ARG C 202 -13.34 -14.18 22.59
N ILE C 203 -12.87 -15.40 22.31
CA ILE C 203 -13.45 -16.28 21.29
C ILE C 203 -13.82 -17.58 22.04
N SER C 204 -14.93 -18.20 21.68
CA SER C 204 -15.33 -19.43 22.35
C SER C 204 -15.35 -20.62 21.39
N ILE C 205 -14.49 -21.60 21.67
CA ILE C 205 -14.32 -22.77 20.81
C ILE C 205 -15.39 -23.83 20.94
N TYR C 206 -16.04 -24.14 19.82
CA TYR C 206 -17.11 -25.14 19.73
C TYR C 206 -16.65 -26.25 18.77
N TRP C 207 -17.38 -27.35 18.69
CA TRP C 207 -16.99 -28.41 17.79
C TRP C 207 -18.19 -29.11 17.17
N THR C 208 -17.95 -29.93 16.15
CA THR C 208 -19.01 -30.66 15.46
C THR C 208 -18.38 -31.83 14.78
N ILE C 209 -18.94 -33.00 15.00
CA ILE C 209 -18.43 -34.21 14.39
C ILE C 209 -19.43 -34.49 13.26
N VAL C 210 -18.95 -34.75 12.06
CA VAL C 210 -19.91 -35.05 11.01
C VAL C 210 -19.76 -36.46 10.55
N LYS C 211 -20.86 -37.20 10.62
CA LYS C 211 -20.89 -38.60 10.24
C LYS C 211 -20.99 -38.68 8.73
N PRO C 212 -20.47 -39.77 8.13
CA PRO C 212 -20.50 -39.96 6.68
C PRO C 212 -21.88 -39.78 6.07
N GLY C 213 -21.93 -39.18 4.89
CA GLY C 213 -23.21 -38.93 4.26
C GLY C 213 -24.02 -37.86 4.97
N ASP C 214 -23.31 -36.98 5.66
CA ASP C 214 -23.92 -35.87 6.39
C ASP C 214 -23.42 -34.56 5.77
N VAL C 215 -24.03 -33.43 6.13
CA VAL C 215 -23.59 -32.18 5.55
C VAL C 215 -23.44 -31.14 6.63
N LEU C 216 -22.22 -30.60 6.76
CA LEU C 216 -21.94 -29.55 7.76
C LEU C 216 -22.52 -28.31 7.15
N VAL C 217 -23.25 -27.53 7.92
CA VAL C 217 -23.81 -26.30 7.38
C VAL C 217 -23.56 -25.13 8.32
N ILE C 218 -22.78 -24.16 7.84
CA ILE C 218 -22.50 -22.98 8.64
C ILE C 218 -23.22 -21.81 8.04
N ASN C 219 -24.08 -21.21 8.84
CA ASN C 219 -24.82 -20.05 8.47
C ASN C 219 -24.62 -19.11 9.64
N SER C 220 -24.29 -17.88 9.32
CA SER C 220 -24.04 -16.88 10.34
C SER C 220 -24.19 -15.57 9.65
N ASN C 221 -24.10 -14.50 10.42
CA ASN C 221 -24.19 -13.15 9.90
C ASN C 221 -23.46 -12.28 10.93
N GLY C 222 -22.43 -12.89 11.53
CA GLY C 222 -21.65 -12.20 12.52
C GLY C 222 -20.83 -13.08 13.46
N ASN C 223 -19.66 -12.58 13.84
CA ASN C 223 -18.77 -13.24 14.77
C ASN C 223 -18.21 -14.62 14.50
N LEU C 224 -18.57 -15.21 13.37
CA LEU C 224 -18.09 -16.54 13.02
C LEU C 224 -16.57 -16.54 12.97
N ILE C 225 -15.99 -17.60 13.52
CA ILE C 225 -14.55 -17.84 13.54
C ILE C 225 -14.58 -19.21 12.88
N ALA C 226 -14.64 -19.17 11.55
CA ALA C 226 -14.76 -20.32 10.69
C ALA C 226 -13.66 -21.38 10.70
N PRO C 227 -14.03 -22.61 10.35
CA PRO C 227 -13.15 -23.77 10.28
C PRO C 227 -12.34 -23.66 8.99
N ARG C 228 -11.12 -24.21 8.95
CA ARG C 228 -10.29 -24.18 7.75
C ARG C 228 -10.40 -25.54 7.05
N GLY C 229 -10.96 -26.52 7.76
CA GLY C 229 -11.11 -27.87 7.24
C GLY C 229 -11.55 -28.86 8.34
N TYR C 230 -10.95 -30.04 8.37
CA TYR C 230 -11.36 -31.03 9.35
C TYR C 230 -10.22 -31.86 9.95
N PHE C 231 -10.50 -32.59 11.03
CA PHE C 231 -9.48 -33.43 11.63
C PHE C 231 -9.89 -34.86 11.38
N LYS C 232 -8.98 -35.65 10.81
CA LYS C 232 -9.27 -37.05 10.53
C LYS C 232 -9.34 -37.76 11.89
N MET C 233 -10.40 -38.51 12.15
CA MET C 233 -10.49 -39.20 13.43
C MET C 233 -10.40 -40.72 13.31
N ARG C 234 -9.42 -41.29 14.00
CA ARG C 234 -9.27 -42.73 13.99
C ARG C 234 -10.04 -43.21 15.23
N THR C 235 -9.65 -44.38 15.74
CA THR C 235 -10.29 -44.98 16.92
C THR C 235 -9.50 -44.77 18.22
N GLY C 236 -10.22 -44.34 19.25
CA GLY C 236 -9.63 -44.05 20.54
C GLY C 236 -8.73 -45.05 21.23
N LYS C 237 -7.55 -45.30 20.67
CA LYS C 237 -6.66 -46.24 21.30
C LYS C 237 -5.60 -45.48 22.09
N SER C 238 -5.44 -44.21 21.74
CA SER C 238 -4.44 -43.36 22.34
C SER C 238 -5.01 -42.67 23.55
N SER C 239 -4.17 -41.97 24.31
CA SER C 239 -4.61 -41.28 25.51
C SER C 239 -3.67 -40.12 25.92
N ILE C 240 -4.20 -39.14 26.63
CA ILE C 240 -3.46 -37.96 27.15
C ILE C 240 -3.18 -38.06 28.66
N MET C 241 -2.09 -37.46 29.11
CA MET C 241 -1.75 -37.53 30.53
C MET C 241 -0.92 -36.36 30.95
N ARG C 242 -1.24 -35.77 32.09
CA ARG C 242 -0.45 -34.66 32.58
C ARG C 242 0.62 -35.20 33.51
N SER C 243 1.89 -34.89 33.24
CA SER C 243 3.02 -35.32 34.07
C SER C 243 4.27 -34.53 33.72
N ASP C 244 5.02 -34.12 34.75
CA ASP C 244 6.27 -33.37 34.58
C ASP C 244 7.43 -34.36 34.58
N ALA C 245 7.11 -35.65 34.44
CA ALA C 245 8.11 -36.69 34.46
C ALA C 245 9.08 -36.66 33.30
N PRO C 246 10.38 -36.84 33.58
CA PRO C 246 11.35 -36.83 32.49
C PRO C 246 11.07 -38.03 31.58
N ILE C 247 11.52 -37.94 30.34
CA ILE C 247 11.32 -39.05 29.41
C ILE C 247 12.70 -39.63 29.18
N ASP C 248 12.79 -40.94 29.28
CA ASP C 248 14.07 -41.57 29.16
C ASP C 248 14.01 -42.58 28.05
N THR C 249 15.19 -42.94 27.56
CA THR C 249 15.24 -43.92 26.50
C THR C 249 15.27 -45.25 27.19
N CYS C 250 14.16 -45.95 27.12
CA CYS C 250 14.03 -47.25 27.72
C CYS C 250 12.73 -47.85 27.30
N ILE C 251 12.69 -49.17 27.46
CA ILE C 251 11.55 -50.00 27.13
C ILE C 251 10.76 -50.19 28.40
N SER C 252 9.47 -49.87 28.34
CA SER C 252 8.57 -50.06 29.47
C SER C 252 7.12 -49.96 29.02
N GLU C 253 6.31 -50.91 29.52
CA GLU C 253 4.91 -51.05 29.13
C GLU C 253 3.79 -50.32 29.86
N CYS C 254 3.97 -50.15 31.16
CA CYS C 254 2.98 -49.48 31.98
C CYS C 254 3.52 -48.11 32.28
N ILE C 255 2.80 -47.07 31.86
CA ILE C 255 3.25 -45.71 32.12
C ILE C 255 2.26 -45.07 33.07
N THR C 256 2.77 -44.25 33.97
CA THR C 256 1.96 -43.61 34.96
C THR C 256 2.45 -42.20 35.04
N PRO C 257 1.64 -41.28 35.58
CA PRO C 257 2.03 -39.88 35.70
C PRO C 257 3.36 -39.78 36.47
N ASN C 258 3.57 -40.76 37.34
CA ASN C 258 4.77 -40.79 38.14
C ASN C 258 5.91 -41.44 37.43
N GLY C 259 5.63 -42.08 36.30
CA GLY C 259 6.72 -42.70 35.58
C GLY C 259 6.40 -44.11 35.21
N SER C 260 7.41 -44.88 34.87
CA SER C 260 7.19 -46.24 34.49
C SER C 260 7.24 -47.13 35.70
N ILE C 261 6.34 -48.12 35.75
CA ILE C 261 6.29 -49.12 36.81
C ILE C 261 6.15 -50.42 36.08
N PRO C 262 6.79 -51.48 36.60
CA PRO C 262 6.70 -52.80 35.94
C PRO C 262 5.32 -53.49 36.05
N ASN C 263 4.90 -54.14 34.95
CA ASN C 263 3.63 -54.84 34.98
C ASN C 263 3.78 -56.29 35.41
N ASP C 264 4.82 -56.57 36.20
CA ASP C 264 5.05 -57.93 36.70
C ASP C 264 4.10 -58.35 37.83
N LYS C 265 3.74 -57.41 38.72
CA LYS C 265 2.82 -57.70 39.82
C LYS C 265 1.39 -57.44 39.36
N PRO C 266 0.40 -58.13 39.95
CA PRO C 266 -0.99 -57.93 39.54
C PRO C 266 -1.72 -56.67 40.02
N PHE C 267 -1.23 -56.04 41.08
CA PHE C 267 -1.87 -54.84 41.63
C PHE C 267 -0.84 -53.78 41.85
N GLN C 268 -1.12 -52.57 41.37
CA GLN C 268 -0.24 -51.45 41.59
C GLN C 268 -1.04 -50.47 42.43
N ASN C 269 -0.34 -49.67 43.21
CA ASN C 269 -1.00 -48.69 44.03
C ASN C 269 -0.37 -47.32 43.75
N VAL C 270 0.49 -47.25 42.73
CA VAL C 270 1.18 -46.03 42.41
C VAL C 270 0.30 -44.89 41.96
N ASN C 271 -0.66 -45.17 41.11
CA ASN C 271 -1.45 -44.06 40.63
C ASN C 271 -2.68 -44.59 39.90
N LYS C 272 -3.80 -43.88 39.98
CA LYS C 272 -5.00 -44.35 39.32
C LYS C 272 -4.95 -44.12 37.81
N ILE C 273 -4.00 -43.31 37.35
CA ILE C 273 -3.87 -43.03 35.91
C ILE C 273 -2.65 -43.76 35.37
N THR C 274 -2.82 -44.60 34.34
CA THR C 274 -1.71 -45.36 33.75
C THR C 274 -1.94 -45.54 32.26
N TYR C 275 -0.92 -45.97 31.52
CA TYR C 275 -1.07 -46.21 30.08
C TYR C 275 -0.47 -47.57 29.81
N GLY C 276 -1.11 -48.36 28.95
CA GLY C 276 -0.58 -49.67 28.62
C GLY C 276 -0.87 -50.77 29.62
N ALA C 277 -0.58 -52.01 29.22
CA ALA C 277 -0.78 -53.20 30.06
C ALA C 277 -0.23 -52.99 31.46
N CYS C 278 -1.11 -52.52 32.35
CA CYS C 278 -0.80 -52.18 33.74
C CYS C 278 -1.42 -52.96 34.89
N PRO C 279 -0.73 -52.98 36.04
CA PRO C 279 -1.25 -53.68 37.22
C PRO C 279 -2.53 -52.95 37.63
N LYS C 280 -3.49 -53.66 38.23
CA LYS C 280 -4.72 -53.02 38.69
C LYS C 280 -4.46 -52.09 39.87
N TYR C 281 -5.08 -50.92 39.85
CA TYR C 281 -4.92 -49.95 40.93
C TYR C 281 -5.61 -50.28 42.24
N VAL C 282 -4.89 -49.98 43.32
CA VAL C 282 -5.36 -50.23 44.67
C VAL C 282 -5.12 -48.97 45.54
#